data_9JM9
#
_entry.id   9JM9
#
_cell.length_a   87.790
_cell.length_b   87.790
_cell.length_c   219.611
_cell.angle_alpha   90.00
_cell.angle_beta   90.00
_cell.angle_gamma   90.00
#
_symmetry.space_group_name_H-M   'P 41 21 2'
#
loop_
_entity.id
_entity.type
_entity.pdbx_description
1 polymer 'NADP-dependent oxidoreductase'
2 non-polymer 'NADP NICOTINAMIDE-ADENINE-DINUCLEOTIDE PHOSPHATE'
3 non-polymer (1Z,3E,5E,7R,8S,10R,11R,12S,15S,16E,18E,25S)-11-ethyl-2-hydroxy-10-methyl-21,26-diazatetracyclo[23.2.1.07,15.08,12]octacosa-1,3,5,13,16,18-hexaene-20,27,28-trione
#
_entity_poly.entity_id   1
_entity_poly.type   'polypeptide(L)'
_entity_poly.pdbx_seq_one_letter_code
;LGSMKTERWVVREHVEGVPDAARIYEKVETELNTRLGEEQMLLKTLYVSVDPYLQGICLDTPIGDHMGADSIMQVLDAGP
NAPFRPGDLVQGFGGWRTHLVSDGKPKLWQTGTFPMVFPAYRKLDLRHYDDALPLSTALGVMGGPGMTAWGTMTKFMQVR
PGDTVVVSGASGMIGTLVGQMAKRAGARVVGTAGSAGKARYLSQLGFDAVIDYKLADDADKMREALREAAPDGVDKYFDS
IGGSVTDAVFSMLNVGSQVAVCWQWATQVQRDYHGPRLLPYIMFPRATIRGIFSLEWFTEQNWSALHEELGGLVRRQELV
AHETVQDGFEHIPAAYQTLFSASESNRGKVLVRV
;
_entity_poly.pdbx_strand_id   A,B
#
loop_
_chem_comp.id
_chem_comp.type
_chem_comp.name
_chem_comp.formula
A1EDR non-polymer (1Z,3E,5E,7R,8S,10R,11R,12S,15S,16E,18E,25S)-11-ethyl-2-hydroxy-10-methyl-21,26-diazatetracyclo[23.2.1.07,15.08,12]octacosa-1,3,5,13,16,18-hexaene-20,27,28-trione 'C29 H36 N2 O4'
NAP non-polymer 'NADP NICOTINAMIDE-ADENINE-DINUCLEOTIDE PHOSPHATE' 'C21 H28 N7 O17 P3'
#
# COMPACT_ATOMS: atom_id res chain seq x y z
N LEU A 1 47.86 -13.57 17.89
CA LEU A 1 48.18 -13.32 19.30
C LEU A 1 48.40 -11.83 19.58
N GLY A 2 47.50 -11.18 20.32
CA GLY A 2 47.75 -9.80 20.68
C GLY A 2 46.87 -8.76 20.02
N SER A 3 47.43 -8.07 19.01
CA SER A 3 46.76 -7.01 18.26
C SER A 3 47.15 -7.09 16.78
N MET A 4 46.61 -6.19 15.97
CA MET A 4 47.07 -6.04 14.58
C MET A 4 46.53 -4.72 14.05
N LYS A 5 47.14 -4.26 12.95
CA LYS A 5 46.72 -3.00 12.32
C LYS A 5 45.75 -3.30 11.19
N THR A 6 44.67 -2.51 11.13
CA THR A 6 43.62 -2.62 10.14
C THR A 6 43.43 -1.26 9.50
N GLU A 7 42.58 -1.18 8.51
CA GLU A 7 42.22 0.12 7.98
C GLU A 7 40.72 0.25 7.87
N ARG A 8 40.21 1.42 8.22
CA ARG A 8 38.80 1.68 8.16
C ARG A 8 38.52 2.98 7.43
N TRP A 9 37.43 3.00 6.71
CA TRP A 9 36.81 4.23 6.29
C TRP A 9 35.81 4.63 7.36
N VAL A 10 35.94 5.82 7.91
CA VAL A 10 35.09 6.25 9.01
C VAL A 10 34.41 7.54 8.59
N VAL A 11 33.25 7.79 9.17
CA VAL A 11 32.47 8.96 8.77
C VAL A 11 33.13 10.22 9.31
N ARG A 12 33.67 11.05 8.40
CA ARG A 12 34.29 12.31 8.81
C ARG A 12 33.23 13.39 8.99
N GLU A 13 32.17 13.35 8.20
CA GLU A 13 31.28 14.50 8.16
C GLU A 13 29.97 14.10 7.50
N HIS A 14 28.86 14.46 8.14
CA HIS A 14 27.55 14.16 7.59
C HIS A 14 27.16 15.17 6.53
N VAL A 15 26.77 14.66 5.36
CA VAL A 15 26.41 15.51 4.23
C VAL A 15 25.20 14.92 3.51
N GLU A 16 24.06 15.60 3.61
CA GLU A 16 22.82 15.20 2.96
C GLU A 16 22.90 15.36 1.43
N GLY A 17 21.94 14.71 0.76
CA GLY A 17 21.85 14.74 -0.69
C GLY A 17 22.79 13.73 -1.34
N VAL A 18 23.09 13.96 -2.62
CA VAL A 18 24.04 13.05 -3.24
C VAL A 18 25.36 13.11 -2.48
N PRO A 19 25.94 11.96 -2.14
CA PRO A 19 27.10 11.99 -1.25
C PRO A 19 28.31 12.62 -1.90
N ASP A 20 29.02 13.40 -1.08
CA ASP A 20 30.35 13.92 -1.39
C ASP A 20 31.33 12.87 -0.88
N ALA A 21 31.62 11.90 -1.73
CA ALA A 21 32.20 10.65 -1.24
C ALA A 21 33.52 10.89 -0.53
N ALA A 22 34.41 11.71 -1.13
CA ALA A 22 35.74 11.95 -0.58
C ALA A 22 35.76 12.97 0.56
N ARG A 23 34.65 13.62 0.82
CA ARG A 23 34.53 14.56 1.93
C ARG A 23 33.82 13.97 3.14
N ILE A 24 33.10 12.87 2.97
CA ILE A 24 32.30 12.28 4.03
C ILE A 24 33.04 11.14 4.77
N TYR A 25 33.88 10.41 4.06
CA TYR A 25 34.58 9.27 4.61
C TYR A 25 36.05 9.65 4.72
N GLU A 26 36.75 8.98 5.63
CA GLU A 26 38.17 9.23 5.86
C GLU A 26 38.87 7.94 6.24
N LYS A 27 39.89 7.56 5.49
CA LYS A 27 40.65 6.36 5.84
C LYS A 27 41.55 6.60 7.03
N VAL A 28 41.57 5.63 7.94
CA VAL A 28 42.38 5.67 9.16
C VAL A 28 42.91 4.27 9.39
N GLU A 29 43.99 4.18 10.13
CA GLU A 29 44.59 2.89 10.45
C GLU A 29 44.34 2.63 11.92
N THR A 30 43.52 1.63 12.19
CA THR A 30 43.07 1.34 13.55
C THR A 30 43.77 0.11 14.08
N GLU A 31 44.13 0.15 15.36
CA GLU A 31 44.63 -1.05 16.01
C GLU A 31 43.45 -1.84 16.58
N LEU A 32 43.47 -3.15 16.35
CA LEU A 32 42.38 -4.06 16.66
C LEU A 32 42.93 -5.08 17.63
N ASN A 33 42.20 -5.31 18.71
CA ASN A 33 42.60 -6.29 19.70
C ASN A 33 42.30 -7.68 19.15
N THR A 34 43.30 -8.57 19.20
CA THR A 34 43.14 -9.95 18.71
C THR A 34 43.05 -10.94 19.86
N ARG A 35 42.65 -10.49 21.03
CA ARG A 35 42.30 -11.38 22.11
C ARG A 35 40.80 -11.56 22.03
N LEU A 36 40.35 -12.80 21.90
CA LEU A 36 38.99 -13.08 21.47
C LEU A 36 38.12 -13.61 22.61
N GLY A 37 36.83 -13.27 22.55
CA GLY A 37 35.87 -13.74 23.51
C GLY A 37 35.51 -15.18 23.27
N GLU A 38 34.55 -15.68 24.07
CA GLU A 38 34.16 -17.09 24.02
C GLU A 38 33.60 -17.45 22.66
N GLU A 39 32.96 -16.49 22.01
CA GLU A 39 32.30 -16.73 20.73
C GLU A 39 32.66 -15.67 19.69
N GLN A 40 33.72 -14.89 19.92
CA GLN A 40 34.14 -13.92 18.93
C GLN A 40 35.02 -14.59 17.86
N MET A 41 35.24 -13.86 16.77
CA MET A 41 36.09 -14.30 15.67
C MET A 41 36.82 -13.10 15.07
N LEU A 42 37.99 -13.36 14.51
CA LEU A 42 38.72 -12.38 13.70
C LEU A 42 38.48 -12.62 12.22
N LEU A 43 38.09 -11.58 11.51
CA LEU A 43 37.73 -11.70 10.11
C LEU A 43 38.52 -10.74 9.24
N LYS A 44 39.02 -11.26 8.14
CA LYS A 44 39.58 -10.51 7.03
C LYS A 44 38.49 -10.32 5.97
N THR A 45 38.45 -9.15 5.37
CA THR A 45 37.47 -8.87 4.33
C THR A 45 38.05 -9.21 2.97
N LEU A 46 37.25 -9.88 2.15
CA LEU A 46 37.62 -10.21 0.78
C LEU A 46 36.83 -9.38 -0.22
N TYR A 47 35.57 -9.07 0.06
CA TYR A 47 34.77 -8.21 -0.79
C TYR A 47 33.88 -7.34 0.07
N VAL A 48 33.52 -6.17 -0.47
CA VAL A 48 32.55 -5.27 0.14
C VAL A 48 31.60 -4.83 -0.95
N SER A 49 30.37 -4.59 -0.56
CA SER A 49 29.41 -4.01 -1.49
C SER A 49 29.34 -2.51 -1.24
N VAL A 50 28.81 -1.79 -2.22
CA VAL A 50 28.55 -0.36 -2.08
C VAL A 50 27.25 -0.05 -2.77
N ASP A 51 26.21 0.27 -2.00
CA ASP A 51 24.87 0.40 -2.52
C ASP A 51 24.30 1.74 -2.15
N PRO A 52 23.38 2.26 -2.96
CA PRO A 52 22.90 3.63 -2.71
C PRO A 52 22.28 3.82 -1.34
N TYR A 53 21.70 2.77 -0.76
CA TYR A 53 21.14 2.82 0.58
C TYR A 53 22.18 2.93 1.67
N LEU A 54 23.47 2.78 1.36
CA LEU A 54 24.49 3.16 2.34
C LEU A 54 24.41 4.63 2.65
N GLN A 55 23.77 5.40 1.75
CA GLN A 55 23.65 6.84 1.94
C GLN A 55 22.91 7.18 3.21
N GLY A 56 21.91 6.37 3.58
CA GLY A 56 21.13 6.60 4.77
C GLY A 56 21.87 6.14 6.01
N ILE A 57 22.38 4.91 5.95
CA ILE A 57 23.19 4.39 7.04
C ILE A 57 24.31 5.37 7.39
N CYS A 58 24.84 6.05 6.39
CA CYS A 58 25.88 7.02 6.67
C CYS A 58 25.32 8.14 7.54
N LEU A 59 24.14 8.66 7.18
CA LEU A 59 23.60 9.78 7.92
C LEU A 59 23.23 9.39 9.34
N ASP A 60 22.99 8.13 9.59
CA ASP A 60 22.73 7.67 10.95
C ASP A 60 24.00 7.20 11.66
N THR A 61 25.11 7.18 10.97
CA THR A 61 26.33 6.69 11.59
C THR A 61 26.95 7.80 12.43
N PRO A 62 27.33 7.53 13.68
CA PRO A 62 28.08 8.50 14.46
C PRO A 62 29.43 8.80 13.83
N ILE A 63 29.86 10.07 13.95
CA ILE A 63 31.17 10.49 13.43
C ILE A 63 32.27 9.61 14.03
N GLY A 64 33.15 9.11 13.17
CA GLY A 64 34.29 8.34 13.57
C GLY A 64 34.10 6.85 13.41
N ASP A 65 32.86 6.37 13.43
CA ASP A 65 32.61 4.96 13.29
C ASP A 65 32.75 4.53 11.84
N HIS A 66 33.31 3.35 11.66
CA HIS A 66 33.46 2.80 10.32
C HIS A 66 32.11 2.79 9.63
N MET A 67 32.12 3.01 8.32
CA MET A 67 30.91 2.93 7.52
C MET A 67 30.59 1.45 7.31
N GLY A 68 29.39 1.05 7.75
CA GLY A 68 28.96 -0.32 7.55
C GLY A 68 28.62 -0.65 6.11
N ALA A 69 28.75 -1.92 5.76
CA ALA A 69 28.34 -2.33 4.44
C ALA A 69 28.34 -3.85 4.34
N ASP A 70 27.65 -4.36 3.32
CA ASP A 70 27.58 -5.78 3.09
C ASP A 70 28.94 -6.27 2.61
N SER A 71 29.38 -7.41 3.13
CA SER A 71 30.76 -7.81 2.91
C SER A 71 30.90 -9.33 2.94
N ILE A 72 32.01 -9.79 2.38
CA ILE A 72 32.40 -11.18 2.40
C ILE A 72 33.69 -11.26 3.19
N MET A 73 33.75 -12.17 4.14
CA MET A 73 34.87 -12.24 5.05
C MET A 73 35.40 -13.67 5.10
N GLN A 74 36.48 -13.84 5.85
CA GLN A 74 37.07 -15.15 6.10
C GLN A 74 37.62 -15.20 7.51
N VAL A 75 37.28 -16.26 8.25
CA VAL A 75 37.68 -16.36 9.65
C VAL A 75 39.18 -16.56 9.74
N LEU A 76 39.87 -15.63 10.39
CA LEU A 76 41.29 -15.81 10.66
C LEU A 76 41.51 -16.55 11.97
N ASP A 77 40.78 -16.15 13.01
CA ASP A 77 40.86 -16.77 14.31
C ASP A 77 39.45 -16.86 14.88
N ALA A 78 39.23 -17.84 15.76
CA ALA A 78 37.89 -18.11 16.27
C ALA A 78 37.95 -18.41 17.76
N GLY A 79 36.96 -17.91 18.48
CA GLY A 79 36.81 -18.24 19.87
C GLY A 79 36.44 -19.69 20.08
N PRO A 80 36.44 -20.13 21.34
CA PRO A 80 36.13 -21.53 21.60
C PRO A 80 34.66 -21.87 21.33
N ASN A 81 33.72 -21.02 21.73
CA ASN A 81 32.31 -21.23 21.41
C ASN A 81 31.93 -20.52 20.12
N ALA A 82 32.86 -20.51 19.17
CA ALA A 82 32.72 -19.67 17.99
C ALA A 82 31.63 -20.21 17.07
N PRO A 83 30.84 -19.33 16.46
CA PRO A 83 29.87 -19.81 15.45
C PRO A 83 30.53 -20.38 14.23
N PHE A 84 31.77 -20.01 13.92
CA PHE A 84 32.46 -20.53 12.74
C PHE A 84 33.93 -20.76 13.06
N ARG A 85 34.48 -21.78 12.46
CA ARG A 85 35.89 -22.08 12.60
C ARG A 85 36.68 -21.30 11.56
N PRO A 86 38.00 -21.21 11.74
CA PRO A 86 38.84 -20.52 10.75
C PRO A 86 38.67 -21.03 9.33
N GLY A 87 39.14 -20.24 8.39
CA GLY A 87 39.01 -20.60 7.00
C GLY A 87 37.62 -20.33 6.47
N ASP A 88 36.62 -20.51 7.35
CA ASP A 88 35.24 -20.34 6.94
C ASP A 88 35.01 -19.02 6.22
N LEU A 89 34.31 -19.08 5.08
CA LEU A 89 33.96 -17.91 4.31
C LEU A 89 32.53 -17.50 4.59
N VAL A 90 32.36 -16.30 5.14
CA VAL A 90 31.08 -15.82 5.64
C VAL A 90 30.67 -14.50 4.97
N GLN A 91 29.38 -14.23 5.03
CA GLN A 91 28.79 -13.06 4.44
C GLN A 91 28.05 -12.29 5.53
N GLY A 92 28.30 -11.00 5.62
CA GLY A 92 27.74 -10.23 6.71
C GLY A 92 28.01 -8.76 6.52
N PHE A 93 27.81 -8.01 7.60
CA PHE A 93 27.82 -6.55 7.51
C PHE A 93 29.08 -5.94 8.12
N GLY A 94 30.26 -6.46 7.78
CA GLY A 94 31.52 -6.01 8.35
C GLY A 94 31.91 -4.58 8.01
N GLY A 95 31.26 -3.96 7.03
CA GLY A 95 31.52 -2.56 6.73
C GLY A 95 32.88 -2.37 6.08
N TRP A 96 33.22 -1.11 5.82
CA TRP A 96 34.45 -0.71 5.11
C TRP A 96 35.66 -0.75 6.04
N ARG A 97 36.13 -1.98 6.34
CA ARG A 97 37.29 -2.21 7.19
C ARG A 97 38.06 -3.39 6.63
N THR A 98 39.39 -3.32 6.66
CA THR A 98 40.19 -4.45 6.18
C THR A 98 40.08 -5.69 7.06
N HIS A 99 39.86 -5.50 8.36
CA HIS A 99 39.73 -6.56 9.36
C HIS A 99 38.63 -6.17 10.32
N LEU A 100 38.30 -7.06 11.25
CA LEU A 100 37.30 -6.76 12.28
C LEU A 100 37.15 -7.96 13.21
N VAL A 101 36.54 -7.71 14.37
CA VAL A 101 36.30 -8.77 15.34
C VAL A 101 34.80 -8.84 15.63
N SER A 102 34.30 -10.06 15.77
CA SER A 102 32.86 -10.17 15.89
C SER A 102 32.48 -11.54 16.43
N ASP A 103 31.40 -11.53 17.20
CA ASP A 103 30.64 -12.70 17.63
C ASP A 103 29.71 -13.21 16.55
N GLY A 104 29.52 -12.42 15.48
CA GLY A 104 28.67 -12.76 14.37
C GLY A 104 27.20 -12.73 14.68
N LYS A 105 26.81 -12.54 15.95
CA LYS A 105 25.40 -12.59 16.35
C LYS A 105 24.62 -11.42 15.76
N PRO A 106 23.28 -11.55 15.68
CA PRO A 106 22.48 -10.46 15.12
C PRO A 106 22.50 -9.30 16.10
N LYS A 107 22.76 -8.11 15.59
CA LYS A 107 22.94 -6.97 16.46
C LYS A 107 21.99 -5.86 16.04
N LEU A 108 21.77 -4.96 16.99
CA LEU A 108 20.75 -3.93 16.86
C LEU A 108 21.36 -2.66 16.28
N TRP A 109 20.67 -2.07 15.32
CA TRP A 109 21.16 -0.83 14.72
C TRP A 109 20.52 0.28 15.53
N GLN A 110 21.18 0.63 16.64
CA GLN A 110 20.56 1.49 17.64
C GLN A 110 20.36 2.89 17.09
N THR A 111 21.35 3.40 16.38
CA THR A 111 21.25 4.79 15.96
C THR A 111 20.20 5.00 14.86
N GLY A 112 19.54 3.95 14.37
CA GLY A 112 18.66 4.12 13.24
C GLY A 112 17.38 4.87 13.57
N THR A 113 16.75 5.40 12.52
CA THR A 113 15.39 5.93 12.67
C THR A 113 14.46 4.80 13.08
N PHE A 114 14.64 3.65 12.44
CA PHE A 114 13.93 2.42 12.62
C PHE A 114 14.86 1.40 13.27
N PRO A 115 14.40 0.68 14.32
CA PRO A 115 15.31 -0.18 15.08
C PRO A 115 15.73 -1.42 14.31
N MET A 116 16.58 -1.20 13.31
CA MET A 116 17.06 -2.26 12.43
C MET A 116 17.91 -3.25 13.23
N VAL A 117 17.96 -4.49 12.73
CA VAL A 117 18.75 -5.55 13.37
C VAL A 117 19.47 -6.33 12.28
N PHE A 118 20.74 -6.04 12.09
CA PHE A 118 21.50 -6.73 11.09
C PHE A 118 21.51 -8.24 11.39
N PRO A 119 21.25 -9.09 10.40
CA PRO A 119 21.15 -10.54 10.66
C PRO A 119 22.46 -11.12 11.16
N ALA A 120 22.43 -12.41 11.50
CA ALA A 120 23.67 -13.12 11.82
C ALA A 120 24.43 -13.47 10.54
N TYR A 121 25.67 -13.91 10.71
CA TYR A 121 26.54 -14.12 9.57
C TYR A 121 26.20 -15.43 8.87
N ARG A 122 25.98 -15.35 7.56
CA ARG A 122 25.69 -16.53 6.77
C ARG A 122 27.01 -17.21 6.42
N LYS A 123 27.10 -18.51 6.69
CA LYS A 123 28.26 -19.27 6.27
C LYS A 123 28.13 -19.57 4.79
N LEU A 124 29.25 -19.46 4.10
CA LEU A 124 29.32 -19.76 2.68
C LEU A 124 30.08 -21.05 2.41
N ASP A 125 29.70 -21.72 1.33
CA ASP A 125 30.36 -22.94 0.87
C ASP A 125 30.96 -22.74 -0.51
N LEU A 126 32.28 -22.92 -0.61
CA LEU A 126 32.99 -22.70 -1.86
C LEU A 126 32.43 -23.59 -2.97
N ARG A 127 32.06 -24.82 -2.63
CA ARG A 127 31.55 -25.76 -3.61
C ARG A 127 30.47 -25.13 -4.48
N HIS A 128 29.61 -24.30 -3.87
CA HIS A 128 28.51 -23.73 -4.63
C HIS A 128 29.01 -22.79 -5.71
N TYR A 129 30.16 -22.18 -5.49
CA TYR A 129 30.65 -21.14 -6.37
C TYR A 129 31.75 -21.71 -7.23
N ASP A 130 31.75 -21.30 -8.50
CA ASP A 130 32.71 -21.74 -9.52
C ASP A 130 32.83 -20.64 -10.56
N ASP A 131 33.54 -20.92 -11.65
CA ASP A 131 33.80 -19.90 -12.67
C ASP A 131 32.54 -19.15 -13.08
N ALA A 132 31.42 -19.83 -13.13
CA ALA A 132 30.21 -19.19 -13.63
C ALA A 132 29.36 -18.60 -12.51
N LEU A 133 29.57 -19.06 -11.28
CA LEU A 133 28.85 -18.57 -10.11
C LEU A 133 29.88 -18.25 -9.05
N PRO A 134 30.71 -17.24 -9.30
CA PRO A 134 31.85 -16.99 -8.42
C PRO A 134 31.44 -16.71 -6.98
N LEU A 135 32.40 -16.92 -6.08
CA LEU A 135 32.20 -16.53 -4.68
C LEU A 135 31.86 -15.04 -4.54
N SER A 136 32.27 -14.23 -5.49
CA SER A 136 31.92 -12.81 -5.46
C SER A 136 30.43 -12.58 -5.55
N THR A 137 29.65 -13.61 -5.90
CA THR A 137 28.22 -13.43 -6.07
C THR A 137 27.43 -13.47 -4.76
N ALA A 138 28.00 -13.99 -3.67
CA ALA A 138 27.29 -14.01 -2.40
C ALA A 138 26.95 -12.59 -1.91
N LEU A 139 27.38 -11.58 -2.67
CA LEU A 139 26.96 -10.21 -2.45
C LEU A 139 25.96 -9.73 -3.48
N GLY A 140 25.63 -10.55 -4.46
CA GLY A 140 24.68 -10.12 -5.46
C GLY A 140 23.57 -11.12 -5.71
N VAL A 141 23.52 -11.64 -6.94
CA VAL A 141 22.51 -12.62 -7.27
C VAL A 141 22.52 -13.77 -6.28
N MET A 142 23.68 -14.15 -5.76
CA MET A 142 23.71 -15.18 -4.73
C MET A 142 23.80 -14.57 -3.32
N GLY A 143 23.49 -13.28 -3.21
CA GLY A 143 23.52 -12.59 -1.95
C GLY A 143 22.33 -11.66 -1.80
N GLY A 144 22.60 -10.45 -1.32
CA GLY A 144 21.57 -9.49 -0.99
C GLY A 144 20.59 -9.17 -2.09
N PRO A 145 21.07 -8.48 -3.11
CA PRO A 145 20.15 -8.02 -4.17
C PRO A 145 19.41 -9.17 -4.83
N GLY A 146 20.04 -10.34 -4.96
CA GLY A 146 19.33 -11.46 -5.53
C GLY A 146 18.20 -11.94 -4.64
N MET A 147 18.44 -11.99 -3.32
CA MET A 147 17.35 -12.34 -2.42
C MET A 147 16.19 -11.37 -2.56
N THR A 148 16.50 -10.09 -2.70
CA THR A 148 15.43 -9.10 -2.81
C THR A 148 14.57 -9.39 -4.02
N ALA A 149 15.20 -9.61 -5.18
CA ALA A 149 14.40 -9.83 -6.38
C ALA A 149 13.63 -11.15 -6.34
N TRP A 150 14.34 -12.25 -6.08
CA TRP A 150 13.69 -13.55 -6.06
C TRP A 150 12.56 -13.59 -5.03
N GLY A 151 12.81 -13.04 -3.84
CA GLY A 151 11.78 -12.95 -2.84
C GLY A 151 10.56 -12.22 -3.37
N THR A 152 10.73 -10.97 -3.81
CA THR A 152 9.56 -10.21 -4.19
C THR A 152 8.73 -10.96 -5.20
N MET A 153 9.37 -11.86 -5.94
CA MET A 153 8.73 -12.47 -7.10
C MET A 153 8.13 -13.82 -6.79
N THR A 154 8.69 -14.53 -5.82
CA THR A 154 8.08 -15.76 -5.35
C THR A 154 7.17 -15.53 -4.15
N LYS A 155 7.52 -14.60 -3.27
CA LYS A 155 6.79 -14.45 -2.03
C LYS A 155 5.70 -13.39 -2.08
N PHE A 156 5.77 -12.44 -3.03
CA PHE A 156 4.77 -11.39 -3.07
C PHE A 156 4.10 -11.29 -4.42
N MET A 157 4.84 -11.15 -5.51
CA MET A 157 4.22 -10.86 -6.79
C MET A 157 3.90 -12.13 -7.56
N GLN A 158 2.61 -12.35 -7.77
CA GLN A 158 2.13 -13.33 -8.72
C GLN A 158 2.12 -12.61 -10.06
N VAL A 159 3.15 -12.86 -10.87
CA VAL A 159 3.24 -12.33 -12.23
C VAL A 159 2.46 -13.24 -13.15
N ARG A 160 1.56 -12.65 -13.91
CA ARG A 160 0.81 -13.51 -14.77
C ARG A 160 1.18 -13.21 -16.21
N PRO A 161 1.13 -14.22 -17.08
CA PRO A 161 1.18 -13.96 -18.52
C PRO A 161 0.25 -12.84 -18.97
N GLY A 162 0.80 -11.83 -19.62
CA GLY A 162 0.03 -10.70 -20.10
C GLY A 162 0.05 -9.48 -19.22
N ASP A 163 0.87 -9.46 -18.19
CA ASP A 163 0.96 -8.28 -17.35
C ASP A 163 1.93 -7.26 -17.96
N THR A 164 1.53 -6.00 -17.99
CA THR A 164 2.53 -4.94 -18.08
C THR A 164 3.21 -4.82 -16.73
N VAL A 165 4.53 -4.68 -16.76
CA VAL A 165 5.33 -4.53 -15.57
C VAL A 165 6.21 -3.31 -15.73
N VAL A 166 6.33 -2.52 -14.67
CA VAL A 166 7.22 -1.37 -14.64
C VAL A 166 8.26 -1.61 -13.55
N VAL A 167 9.52 -1.37 -13.88
CA VAL A 167 10.60 -1.52 -12.91
C VAL A 167 11.38 -0.21 -12.97
N SER A 168 11.14 0.65 -11.99
CA SER A 168 11.98 1.82 -11.83
C SER A 168 13.33 1.41 -11.26
N GLY A 169 14.36 2.14 -11.68
CA GLY A 169 15.74 1.79 -11.37
C GLY A 169 16.18 0.46 -11.92
N ALA A 170 15.74 0.14 -13.15
CA ALA A 170 15.94 -1.19 -13.72
C ALA A 170 17.40 -1.46 -14.04
N SER A 171 18.23 -0.42 -14.08
CA SER A 171 19.63 -0.56 -14.44
C SER A 171 20.36 -1.44 -13.43
N GLY A 172 20.14 -1.18 -12.15
CA GLY A 172 20.89 -1.91 -11.16
C GLY A 172 20.63 -3.38 -11.28
N MET A 173 21.29 -4.18 -10.44
CA MET A 173 21.13 -5.64 -10.50
C MET A 173 19.73 -6.04 -10.09
N ILE A 174 19.23 -5.43 -9.03
CA ILE A 174 17.90 -5.75 -8.53
C ILE A 174 16.84 -5.41 -9.57
N GLY A 175 16.89 -4.19 -10.11
CA GLY A 175 15.96 -3.86 -11.18
C GLY A 175 16.02 -4.85 -12.34
N THR A 176 17.23 -5.14 -12.82
CA THR A 176 17.37 -6.07 -13.94
C THR A 176 16.93 -7.47 -13.59
N LEU A 177 17.30 -7.98 -12.42
CA LEU A 177 16.88 -9.34 -12.08
C LEU A 177 15.35 -9.43 -11.99
N VAL A 178 14.72 -8.43 -11.39
CA VAL A 178 13.27 -8.40 -11.30
C VAL A 178 12.67 -8.53 -12.68
N GLY A 179 13.06 -7.63 -13.60
CA GLY A 179 12.55 -7.68 -14.97
C GLY A 179 12.72 -9.02 -15.66
N GLN A 180 13.83 -9.71 -15.41
CA GLN A 180 14.03 -10.97 -16.10
C GLN A 180 12.96 -11.98 -15.69
N MET A 181 12.77 -12.20 -14.41
CA MET A 181 11.73 -13.11 -13.96
C MET A 181 10.36 -12.62 -14.41
N ALA A 182 10.19 -11.31 -14.60
CA ALA A 182 8.94 -10.77 -15.12
C ALA A 182 8.67 -11.34 -16.50
N LYS A 183 9.60 -11.10 -17.43
CA LYS A 183 9.50 -11.70 -18.76
C LYS A 183 9.48 -13.22 -18.67
N ARG A 184 10.28 -13.80 -17.77
CA ARG A 184 10.31 -15.26 -17.71
C ARG A 184 8.94 -15.84 -17.42
N ALA A 185 8.16 -15.17 -16.59
CA ALA A 185 6.78 -15.57 -16.34
C ALA A 185 5.84 -14.98 -17.39
N GLY A 186 6.40 -14.62 -18.55
CA GLY A 186 5.65 -14.12 -19.69
C GLY A 186 4.92 -12.83 -19.45
N ALA A 187 5.67 -11.74 -19.29
CA ALA A 187 5.11 -10.44 -18.92
C ALA A 187 5.82 -9.34 -19.67
N ARG A 188 5.04 -8.42 -20.25
CA ARG A 188 5.62 -7.21 -20.83
C ARG A 188 6.34 -6.37 -19.78
N VAL A 189 7.66 -6.29 -19.88
CA VAL A 189 8.50 -5.59 -18.90
C VAL A 189 8.92 -4.24 -19.46
N VAL A 190 8.67 -3.19 -18.69
CA VAL A 190 9.07 -1.83 -19.00
C VAL A 190 10.04 -1.39 -17.92
N GLY A 191 11.00 -0.54 -18.29
CA GLY A 191 12.10 -0.21 -17.41
C GLY A 191 12.41 1.27 -17.38
N THR A 192 13.35 1.62 -16.52
CA THR A 192 14.00 2.91 -16.58
C THR A 192 15.47 2.72 -16.28
N ALA A 193 16.29 3.30 -17.15
CA ALA A 193 17.72 3.48 -17.02
C ALA A 193 18.02 4.93 -17.39
N GLY A 194 19.29 5.33 -17.26
CA GLY A 194 19.64 6.73 -17.38
C GLY A 194 20.52 7.17 -18.55
N SER A 195 21.10 6.21 -19.26
CA SER A 195 21.92 6.47 -20.44
C SER A 195 21.40 5.64 -21.60
N ALA A 196 21.52 6.20 -22.81
CA ALA A 196 21.13 5.45 -24.00
C ALA A 196 21.79 4.08 -24.00
N GLY A 197 23.06 4.02 -23.58
CA GLY A 197 23.77 2.77 -23.61
C GLY A 197 23.20 1.76 -22.63
N LYS A 198 23.04 2.15 -21.37
CA LYS A 198 22.39 1.26 -20.42
C LYS A 198 21.05 0.78 -20.97
N ALA A 199 20.34 1.67 -21.67
CA ALA A 199 19.06 1.33 -22.28
C ALA A 199 19.14 0.07 -23.14
N ARG A 200 20.15 0.01 -24.02
CA ARG A 200 20.36 -1.15 -24.87
C ARG A 200 20.69 -2.40 -24.05
N TYR A 201 21.33 -2.22 -22.91
CA TYR A 201 21.71 -3.35 -22.08
C TYR A 201 20.45 -4.04 -21.68
N LEU A 202 19.62 -3.34 -20.94
CA LEU A 202 18.33 -3.91 -20.53
C LEU A 202 17.58 -4.41 -21.74
N SER A 203 17.54 -3.58 -22.79
CA SER A 203 16.86 -3.92 -24.02
C SER A 203 17.38 -5.24 -24.57
N GLN A 204 18.69 -5.47 -24.45
CA GLN A 204 19.25 -6.77 -24.81
C GLN A 204 18.80 -7.88 -23.86
N LEU A 205 18.46 -7.54 -22.63
CA LEU A 205 18.07 -8.55 -21.65
C LEU A 205 16.63 -9.02 -21.80
N GLY A 206 15.84 -8.37 -22.65
CA GLY A 206 14.43 -8.68 -22.79
C GLY A 206 13.51 -7.52 -22.44
N PHE A 207 14.04 -6.41 -21.93
CA PHE A 207 13.18 -5.28 -21.60
C PHE A 207 12.47 -4.82 -22.87
N ASP A 208 11.15 -4.96 -22.86
CA ASP A 208 10.38 -4.50 -24.01
C ASP A 208 10.37 -2.98 -24.09
N ALA A 209 10.87 -2.31 -23.06
CA ALA A 209 10.98 -0.87 -23.10
C ALA A 209 12.01 -0.46 -22.06
N VAL A 210 12.45 0.80 -22.20
CA VAL A 210 13.26 1.54 -21.23
C VAL A 210 12.82 2.99 -21.39
N ILE A 211 13.15 3.80 -20.41
CA ILE A 211 12.75 5.20 -20.46
C ILE A 211 13.87 6.05 -19.85
N ASP A 212 14.03 7.27 -20.34
CA ASP A 212 15.03 8.15 -19.78
C ASP A 212 14.32 9.11 -18.83
N TYR A 213 14.46 8.83 -17.54
CA TYR A 213 14.00 9.77 -16.53
C TYR A 213 14.79 11.06 -16.59
N LYS A 214 16.02 10.98 -17.09
CA LYS A 214 16.82 12.18 -17.30
C LYS A 214 16.08 13.18 -18.18
N LEU A 215 15.48 12.69 -19.26
CA LEU A 215 14.67 13.50 -20.15
C LEU A 215 13.20 13.58 -19.71
N ALA A 216 12.82 12.88 -18.65
CA ALA A 216 11.47 12.91 -18.04
C ALA A 216 11.66 13.34 -16.58
N ASP A 217 11.82 14.65 -16.39
CA ASP A 217 12.07 15.22 -15.08
C ASP A 217 10.80 15.61 -14.32
N ASP A 218 9.69 15.87 -15.01
CA ASP A 218 8.39 16.13 -14.40
C ASP A 218 7.48 14.92 -14.60
N ALA A 219 6.62 14.65 -13.62
CA ALA A 219 5.67 13.54 -13.75
C ALA A 219 4.82 13.63 -15.01
N ASP A 220 4.63 14.82 -15.58
CA ASP A 220 3.80 14.97 -16.78
C ASP A 220 4.48 14.37 -17.99
N LYS A 221 5.71 14.80 -18.29
CA LYS A 221 6.48 14.17 -19.35
C LYS A 221 6.55 12.67 -19.11
N MET A 222 6.57 12.25 -17.85
CA MET A 222 6.71 10.84 -17.53
C MET A 222 5.43 10.07 -17.83
N ARG A 223 4.28 10.54 -17.30
CA ARG A 223 3.03 9.91 -17.68
C ARG A 223 2.98 9.71 -19.18
N GLU A 224 3.40 10.73 -19.93
CA GLU A 224 3.34 10.67 -21.39
C GLU A 224 4.08 9.44 -21.89
N ALA A 225 5.38 9.36 -21.59
CA ALA A 225 6.17 8.19 -21.94
C ALA A 225 5.49 6.90 -21.47
N LEU A 226 4.92 6.92 -20.27
CA LEU A 226 4.42 5.70 -19.64
C LEU A 226 3.16 5.19 -20.35
N ARG A 227 2.19 6.08 -20.59
CA ARG A 227 0.98 5.69 -21.30
C ARG A 227 1.33 4.92 -22.56
N GLU A 228 2.44 5.30 -23.18
CA GLU A 228 2.94 4.70 -24.41
C GLU A 228 3.76 3.45 -24.12
N ALA A 229 4.55 3.49 -23.05
CA ALA A 229 5.32 2.32 -22.65
C ALA A 229 4.40 1.19 -22.19
N ALA A 230 3.32 1.56 -21.48
CA ALA A 230 2.31 0.63 -20.98
C ALA A 230 0.97 1.08 -21.54
N PRO A 231 0.61 0.64 -22.76
CA PRO A 231 -0.67 1.07 -23.34
C PRO A 231 -1.85 0.36 -22.72
N ASP A 232 -1.60 -0.67 -21.91
CA ASP A 232 -2.63 -1.47 -21.25
C ASP A 232 -2.63 -1.25 -19.74
N GLY A 233 -2.10 -0.11 -19.27
CA GLY A 233 -2.03 0.18 -17.86
C GLY A 233 -0.89 -0.57 -17.20
N VAL A 234 -0.86 -0.50 -15.87
CA VAL A 234 0.20 -1.09 -15.05
C VAL A 234 -0.37 -2.20 -14.19
N ASP A 235 0.26 -3.38 -14.25
CA ASP A 235 -0.15 -4.57 -13.51
C ASP A 235 0.66 -4.81 -12.25
N LYS A 236 1.95 -4.53 -12.36
CA LYS A 236 2.83 -4.68 -11.24
C LYS A 236 3.85 -3.56 -11.34
N TYR A 237 4.49 -3.21 -10.23
CA TYR A 237 5.44 -2.10 -10.20
C TYR A 237 6.39 -2.32 -9.05
N PHE A 238 7.68 -2.36 -9.36
CA PHE A 238 8.74 -2.51 -8.39
C PHE A 238 9.48 -1.17 -8.38
N ASP A 239 9.24 -0.38 -7.34
CA ASP A 239 9.71 1.00 -7.25
C ASP A 239 10.94 1.11 -6.37
N SER A 240 11.96 1.81 -6.87
CA SER A 240 13.08 2.26 -6.06
C SER A 240 13.30 3.74 -6.25
N ILE A 241 12.32 4.47 -6.80
CA ILE A 241 12.54 5.88 -7.08
C ILE A 241 11.51 6.77 -6.38
N GLY A 242 10.33 6.90 -6.97
CA GLY A 242 9.28 7.70 -6.37
C GLY A 242 9.25 9.11 -6.92
N GLY A 243 8.48 9.94 -6.23
CA GLY A 243 8.47 11.36 -6.52
C GLY A 243 7.74 11.87 -7.75
N SER A 244 8.04 11.33 -8.93
CA SER A 244 7.45 11.85 -10.16
C SER A 244 7.14 10.66 -11.05
N VAL A 245 8.07 9.71 -11.09
CA VAL A 245 7.85 8.46 -11.81
C VAL A 245 6.67 7.73 -11.18
N THR A 246 6.72 7.57 -9.86
CA THR A 246 5.68 6.85 -9.14
C THR A 246 4.35 7.57 -9.21
N ASP A 247 4.36 8.88 -8.99
CA ASP A 247 3.11 9.64 -9.08
C ASP A 247 2.39 9.37 -10.38
N ALA A 248 3.16 9.17 -11.45
CA ALA A 248 2.57 8.88 -12.75
C ALA A 248 2.09 7.46 -12.82
N VAL A 249 2.84 6.52 -12.25
CA VAL A 249 2.44 5.12 -12.32
C VAL A 249 1.07 4.94 -11.70
N PHE A 250 0.91 5.43 -10.48
CA PHE A 250 -0.33 5.21 -9.78
C PHE A 250 -1.52 5.71 -10.57
N SER A 251 -1.29 6.68 -11.47
CA SER A 251 -2.36 7.23 -12.28
C SER A 251 -2.78 6.30 -13.44
N MET A 252 -2.33 5.05 -13.45
CA MET A 252 -2.72 4.11 -14.50
C MET A 252 -2.70 2.65 -13.99
N LEU A 253 -3.02 2.47 -12.71
CA LEU A 253 -2.96 1.17 -12.06
C LEU A 253 -4.11 0.29 -12.49
N ASN A 254 -3.79 -0.85 -13.08
CA ASN A 254 -4.86 -1.75 -13.41
C ASN A 254 -5.47 -2.32 -12.13
N VAL A 255 -6.59 -3.00 -12.28
CA VAL A 255 -7.28 -3.57 -11.14
C VAL A 255 -6.56 -4.83 -10.72
N GLY A 256 -6.28 -4.95 -9.44
CA GLY A 256 -5.52 -6.07 -9.01
C GLY A 256 -4.04 -5.86 -9.14
N SER A 257 -3.61 -4.63 -9.36
CA SER A 257 -2.19 -4.33 -9.43
C SER A 257 -1.52 -4.56 -8.09
N GLN A 258 -0.30 -5.05 -8.14
CA GLN A 258 0.58 -5.17 -6.99
C GLN A 258 1.68 -4.15 -7.14
N VAL A 259 2.09 -3.54 -6.04
CA VAL A 259 3.21 -2.62 -6.03
C VAL A 259 4.16 -3.06 -4.93
N ALA A 260 5.45 -3.14 -5.25
CA ALA A 260 6.47 -3.42 -4.25
C ALA A 260 7.37 -2.19 -4.15
N VAL A 261 7.47 -1.64 -2.96
CA VAL A 261 8.28 -0.47 -2.70
C VAL A 261 9.56 -0.91 -2.00
N CYS A 262 10.65 -0.77 -2.74
CA CYS A 262 11.96 -1.29 -2.39
C CYS A 262 12.88 -0.19 -1.90
N TRP A 263 12.72 1.02 -2.43
CA TRP A 263 13.53 2.15 -2.02
C TRP A 263 12.82 3.38 -2.52
N GLN A 264 13.33 4.55 -2.14
CA GLN A 264 12.79 5.79 -2.65
C GLN A 264 13.93 6.76 -2.90
N TRP A 265 14.70 6.53 -3.97
CA TRP A 265 15.77 7.45 -4.33
C TRP A 265 15.31 8.91 -4.28
N ALA A 266 14.14 9.19 -4.85
CA ALA A 266 13.64 10.57 -4.93
C ALA A 266 13.55 11.21 -3.56
N THR A 267 12.91 10.53 -2.63
CA THR A 267 12.80 11.10 -1.29
C THR A 267 14.15 11.04 -0.58
N GLN A 268 14.84 9.90 -0.67
CA GLN A 268 16.04 9.75 0.14
C GLN A 268 17.14 10.66 -0.36
N VAL A 269 17.58 10.46 -1.61
CA VAL A 269 18.76 11.17 -2.13
C VAL A 269 18.40 12.60 -2.53
N GLN A 270 17.47 12.74 -3.46
CA GLN A 270 17.07 14.03 -4.01
C GLN A 270 16.11 14.79 -3.10
N ARG A 271 15.70 14.21 -1.98
CA ARG A 271 14.98 14.90 -0.90
C ARG A 271 13.61 15.45 -1.33
N ASP A 272 12.86 14.72 -2.17
CA ASP A 272 11.46 15.09 -2.45
C ASP A 272 10.58 14.56 -1.34
N TYR A 273 10.22 15.41 -0.39
CA TYR A 273 9.43 14.97 0.76
C TYR A 273 7.95 15.26 0.66
N HIS A 274 7.50 16.17 -0.21
CA HIS A 274 6.09 16.41 -0.41
C HIS A 274 5.73 16.10 -1.85
N GLY A 275 4.56 15.52 -2.04
CA GLY A 275 4.08 15.28 -3.37
C GLY A 275 2.59 15.15 -3.45
N PRO A 276 2.11 14.74 -4.62
CA PRO A 276 0.69 14.49 -4.79
C PRO A 276 0.32 13.23 -4.02
N ARG A 277 -0.84 13.26 -3.39
CA ARG A 277 -1.25 12.14 -2.58
C ARG A 277 -1.61 10.96 -3.48
N LEU A 278 -0.95 9.83 -3.25
CA LEU A 278 -1.14 8.67 -4.09
C LEU A 278 -2.22 7.74 -3.57
N LEU A 279 -2.47 7.74 -2.26
CA LEU A 279 -3.45 6.84 -1.68
C LEU A 279 -4.81 6.88 -2.38
N PRO A 280 -5.36 8.05 -2.73
CA PRO A 280 -6.66 8.06 -3.44
C PRO A 280 -6.68 7.29 -4.76
N TYR A 281 -5.53 6.98 -5.33
CA TYR A 281 -5.54 6.37 -6.66
C TYR A 281 -5.54 4.85 -6.60
N ILE A 282 -5.43 4.28 -5.41
CA ILE A 282 -5.27 2.83 -5.28
C ILE A 282 -6.58 2.13 -5.01
N MET A 283 -7.64 2.88 -4.68
CA MET A 283 -8.88 2.28 -4.19
C MET A 283 -9.66 1.60 -5.30
N PHE A 284 -10.12 2.36 -6.28
CA PHE A 284 -10.81 1.75 -7.42
C PHE A 284 -9.99 0.63 -8.04
N PRO A 285 -8.70 0.82 -8.30
CA PRO A 285 -7.87 -0.29 -8.78
C PRO A 285 -7.82 -1.45 -7.83
N ARG A 286 -8.08 -1.25 -6.55
CA ARG A 286 -7.78 -2.28 -5.55
C ARG A 286 -6.32 -2.72 -5.66
N ALA A 287 -5.42 -1.74 -5.74
CA ALA A 287 -4.01 -2.03 -5.74
C ALA A 287 -3.55 -2.52 -4.37
N THR A 288 -2.44 -3.25 -4.35
CA THR A 288 -1.86 -3.79 -3.12
C THR A 288 -0.36 -3.43 -2.99
N ILE A 289 -0.10 -2.26 -2.38
CA ILE A 289 1.25 -1.81 -2.10
C ILE A 289 1.87 -2.57 -0.94
N ARG A 290 3.12 -2.96 -1.09
CA ARG A 290 3.82 -3.60 0.01
C ARG A 290 5.21 -2.99 0.15
N GLY A 291 5.63 -2.69 1.38
CA GLY A 291 6.99 -2.30 1.61
C GLY A 291 7.90 -3.53 1.64
N ILE A 292 9.07 -3.40 1.01
CA ILE A 292 10.01 -4.49 0.89
C ILE A 292 11.17 -4.24 1.84
N PHE A 293 11.52 -5.24 2.64
CA PHE A 293 12.67 -5.17 3.53
C PHE A 293 13.26 -6.59 3.52
N SER A 294 14.13 -6.84 2.56
CA SER A 294 14.52 -8.21 2.23
C SER A 294 15.14 -8.97 3.40
N LEU A 295 15.58 -8.26 4.46
CA LEU A 295 16.12 -8.94 5.63
C LEU A 295 15.13 -9.91 6.24
N GLU A 296 13.83 -9.66 6.06
CA GLU A 296 12.81 -10.52 6.62
C GLU A 296 12.94 -11.91 6.07
N TRP A 297 13.85 -12.10 5.11
CA TRP A 297 13.98 -13.32 4.36
C TRP A 297 15.28 -14.09 4.58
N PHE A 298 16.22 -13.55 5.34
CA PHE A 298 17.53 -14.19 5.45
C PHE A 298 17.47 -15.44 6.31
N THR A 299 16.51 -16.32 6.02
CA THR A 299 16.43 -17.60 6.69
C THR A 299 17.27 -18.64 5.96
N GLU A 300 17.79 -19.63 6.71
CA GLU A 300 18.66 -20.63 6.11
C GLU A 300 17.95 -21.36 4.98
N GLN A 301 16.73 -21.84 5.25
CA GLN A 301 15.90 -22.45 4.21
C GLN A 301 15.77 -21.55 3.00
N ASN A 302 15.76 -20.23 3.20
CA ASN A 302 15.56 -19.27 2.11
C ASN A 302 16.80 -19.13 1.24
N TRP A 303 17.99 -19.17 1.86
CA TRP A 303 19.20 -19.07 1.07
C TRP A 303 19.36 -20.26 0.14
N SER A 304 19.02 -21.44 0.63
CA SER A 304 19.08 -22.64 -0.19
C SER A 304 18.15 -22.53 -1.39
N ALA A 305 16.93 -22.05 -1.14
CA ALA A 305 15.97 -21.88 -2.24
C ALA A 305 16.52 -20.96 -3.32
N LEU A 306 17.32 -19.96 -2.94
CA LEU A 306 17.90 -19.09 -3.94
C LEU A 306 18.95 -19.85 -4.73
N HIS A 307 19.92 -20.46 -4.04
CA HIS A 307 20.90 -21.27 -4.76
C HIS A 307 20.19 -22.26 -5.65
N GLU A 308 19.26 -23.03 -5.08
CA GLU A 308 18.63 -24.15 -5.76
C GLU A 308 17.88 -23.72 -7.01
N GLU A 309 17.06 -22.68 -6.93
CA GLU A 309 16.28 -22.21 -8.07
C GLU A 309 17.09 -21.23 -8.91
N LEU A 310 17.56 -20.18 -8.25
CA LEU A 310 18.30 -19.15 -8.96
C LEU A 310 19.67 -19.64 -9.40
N GLY A 311 20.36 -20.40 -8.55
CA GLY A 311 21.74 -20.78 -8.85
C GLY A 311 21.89 -21.46 -10.19
N GLY A 312 21.09 -22.49 -10.45
CA GLY A 312 21.12 -23.19 -11.72
C GLY A 312 20.92 -22.30 -12.92
N LEU A 313 19.70 -21.76 -13.05
CA LEU A 313 19.32 -20.84 -14.11
C LEU A 313 20.42 -19.85 -14.43
N VAL A 314 21.06 -19.32 -13.40
CA VAL A 314 22.09 -18.31 -13.60
C VAL A 314 23.26 -18.90 -14.36
N ARG A 315 23.70 -20.09 -13.96
CA ARG A 315 24.91 -20.67 -14.54
C ARG A 315 24.67 -21.18 -15.97
N ARG A 316 23.43 -21.55 -16.28
CA ARG A 316 23.04 -21.95 -17.63
C ARG A 316 22.85 -20.76 -18.57
N GLN A 317 23.42 -19.61 -18.23
CA GLN A 317 23.37 -18.40 -19.04
C GLN A 317 21.94 -17.93 -19.27
N GLU A 318 20.95 -18.69 -18.78
CA GLU A 318 19.56 -18.30 -18.93
C GLU A 318 19.21 -17.05 -18.16
N LEU A 319 19.97 -16.75 -17.11
CA LEU A 319 19.67 -15.62 -16.24
C LEU A 319 20.95 -14.82 -16.04
N VAL A 320 20.89 -13.55 -16.39
CA VAL A 320 22.08 -12.69 -16.47
C VAL A 320 22.18 -11.90 -15.19
N ALA A 321 23.40 -11.83 -14.63
CA ALA A 321 23.67 -11.06 -13.43
C ALA A 321 25.14 -10.63 -13.45
N HIS A 322 25.38 -9.51 -14.10
CA HIS A 322 26.74 -9.05 -14.20
C HIS A 322 27.16 -8.38 -12.93
N GLU A 323 28.43 -8.46 -12.60
CA GLU A 323 28.94 -7.76 -11.42
C GLU A 323 30.22 -7.03 -11.79
N THR A 324 30.27 -5.73 -11.46
CA THR A 324 31.38 -4.84 -11.80
C THR A 324 32.31 -4.61 -10.60
N VAL A 325 33.34 -5.45 -10.46
CA VAL A 325 34.21 -5.46 -9.28
C VAL A 325 35.45 -4.59 -9.47
N GLN A 326 35.51 -3.45 -8.77
CA GLN A 326 36.71 -2.63 -8.71
C GLN A 326 37.69 -3.17 -7.66
N ASP A 327 38.98 -3.06 -7.93
CA ASP A 327 39.99 -3.56 -7.01
C ASP A 327 40.53 -2.47 -6.10
N GLY A 328 41.09 -2.91 -4.98
CA GLY A 328 41.76 -2.02 -4.04
C GLY A 328 40.92 -1.48 -2.90
N PHE A 329 41.33 -1.77 -1.66
CA PHE A 329 40.59 -1.29 -0.50
C PHE A 329 40.43 0.22 -0.51
N GLU A 330 41.44 0.94 -1.00
CA GLU A 330 41.40 2.40 -0.91
C GLU A 330 40.41 3.05 -1.87
N HIS A 331 40.00 2.38 -2.93
CA HIS A 331 39.10 3.01 -3.88
C HIS A 331 37.63 2.86 -3.49
N ILE A 332 37.35 2.40 -2.27
CA ILE A 332 35.96 2.10 -1.86
C ILE A 332 35.08 3.33 -1.90
N PRO A 333 35.43 4.46 -1.29
CA PRO A 333 34.53 5.60 -1.35
C PRO A 333 34.31 6.12 -2.77
N ALA A 334 35.26 5.86 -3.68
CA ALA A 334 35.12 6.26 -5.09
C ALA A 334 34.19 5.35 -5.86
N ALA A 335 34.23 4.05 -5.56
CA ALA A 335 33.20 3.16 -6.09
C ALA A 335 31.84 3.60 -5.57
N TYR A 336 31.79 4.08 -4.33
CA TYR A 336 30.52 4.55 -3.82
C TYR A 336 30.07 5.79 -4.59
N GLN A 337 30.99 6.62 -5.06
CA GLN A 337 30.54 7.82 -5.76
C GLN A 337 30.05 7.55 -7.17
N THR A 338 30.38 6.38 -7.73
CA THR A 338 29.96 6.07 -9.11
C THR A 338 28.47 5.82 -9.17
N LEU A 339 27.90 5.21 -8.14
CA LEU A 339 26.46 5.02 -8.12
C LEU A 339 25.72 6.34 -8.27
N PHE A 340 26.34 7.46 -7.91
CA PHE A 340 25.64 8.74 -7.99
C PHE A 340 26.26 9.68 -9.01
N SER A 341 27.10 9.16 -9.91
CA SER A 341 27.75 10.08 -10.85
C SER A 341 28.18 9.37 -12.14
N ALA A 342 29.12 8.44 -12.02
CA ALA A 342 29.64 7.68 -13.16
C ALA A 342 29.02 6.30 -13.29
N SER A 343 27.70 6.20 -13.12
CA SER A 343 26.99 4.92 -13.19
C SER A 343 26.73 4.42 -14.60
N GLU A 344 26.98 5.26 -15.61
CA GLU A 344 26.85 4.82 -17.00
C GLU A 344 27.93 3.81 -17.37
N SER A 345 29.12 3.92 -16.78
CA SER A 345 30.14 2.91 -16.98
C SER A 345 29.89 1.62 -16.19
N ASN A 346 29.01 1.67 -15.19
CA ASN A 346 28.72 0.51 -14.35
C ASN A 346 27.75 -0.48 -14.98
N ARG A 347 28.04 -1.78 -14.81
CA ARG A 347 27.21 -2.87 -15.32
C ARG A 347 26.95 -3.89 -14.20
N GLY A 348 25.73 -3.91 -13.70
CA GLY A 348 25.37 -4.88 -12.69
C GLY A 348 25.79 -4.41 -11.31
N LYS A 349 25.99 -5.38 -10.42
CA LYS A 349 26.28 -5.09 -9.03
C LYS A 349 27.72 -4.59 -8.86
N VAL A 350 27.86 -3.37 -8.33
CA VAL A 350 29.15 -2.78 -8.02
C VAL A 350 29.67 -3.39 -6.72
N LEU A 351 30.92 -3.84 -6.75
CA LEU A 351 31.57 -4.44 -5.60
C LEU A 351 33.00 -3.94 -5.59
N VAL A 352 33.73 -4.27 -4.53
CA VAL A 352 35.14 -3.97 -4.42
C VAL A 352 35.82 -5.15 -3.77
N ARG A 353 36.77 -5.75 -4.47
CA ARG A 353 37.60 -6.78 -3.87
C ARG A 353 38.71 -6.13 -3.06
N VAL A 354 38.84 -6.55 -1.80
CA VAL A 354 39.86 -6.07 -0.90
C VAL A 354 40.86 -7.17 -0.55
N LEU B 1 -48.92 1.12 -22.03
CA LEU B 1 -49.73 0.93 -20.83
C LEU B 1 -49.96 2.33 -20.17
N GLY B 2 -49.44 3.34 -20.85
CA GLY B 2 -49.65 4.74 -20.56
C GLY B 2 -48.46 5.48 -19.98
N SER B 3 -48.70 6.24 -18.91
CA SER B 3 -47.66 7.01 -18.27
C SER B 3 -47.91 7.02 -16.78
N MET B 4 -47.04 7.73 -16.07
CA MET B 4 -47.23 7.95 -14.64
C MET B 4 -46.38 9.12 -14.21
N LYS B 5 -46.79 9.76 -13.12
CA LYS B 5 -46.12 10.94 -12.58
C LYS B 5 -45.22 10.52 -11.42
N THR B 6 -43.98 11.03 -11.42
CA THR B 6 -43.02 10.76 -10.36
C THR B 6 -42.38 12.06 -9.85
N GLU B 7 -41.60 11.93 -8.77
CA GLU B 7 -40.80 13.01 -8.22
C GLU B 7 -39.35 12.56 -8.15
N ARG B 8 -38.46 13.47 -8.53
CA ARG B 8 -37.03 13.23 -8.48
C ARG B 8 -36.32 14.40 -7.82
N TRP B 9 -35.30 14.09 -7.03
CA TRP B 9 -34.28 15.08 -6.69
C TRP B 9 -33.24 14.98 -7.78
N VAL B 10 -32.90 16.12 -8.36
CA VAL B 10 -31.99 16.15 -9.49
C VAL B 10 -30.85 17.12 -9.20
N VAL B 11 -29.68 16.83 -9.79
CA VAL B 11 -28.49 17.65 -9.56
C VAL B 11 -28.68 18.97 -10.28
N ARG B 12 -28.89 20.03 -9.51
CA ARG B 12 -29.08 21.36 -10.07
C ARG B 12 -27.76 22.05 -10.36
N GLU B 13 -26.73 21.75 -9.57
CA GLU B 13 -25.51 22.56 -9.58
C GLU B 13 -24.40 21.78 -8.90
N HIS B 14 -23.23 21.77 -9.54
CA HIS B 14 -22.04 21.18 -8.95
C HIS B 14 -21.37 22.17 -8.01
N VAL B 15 -21.06 21.71 -6.80
CA VAL B 15 -20.35 22.50 -5.79
C VAL B 15 -19.34 21.57 -5.15
N GLU B 16 -18.07 21.79 -5.43
CA GLU B 16 -17.02 20.98 -4.84
C GLU B 16 -16.89 21.32 -3.37
N GLY B 17 -16.22 20.44 -2.63
CA GLY B 17 -16.08 20.65 -1.22
C GLY B 17 -17.30 20.16 -0.45
N VAL B 18 -17.50 20.75 0.73
CA VAL B 18 -18.68 20.37 1.51
C VAL B 18 -19.94 20.69 0.71
N PRO B 19 -20.88 19.75 0.57
CA PRO B 19 -22.04 20.00 -0.28
C PRO B 19 -22.97 21.03 0.35
N ASP B 20 -23.49 21.93 -0.49
CA ASP B 20 -24.56 22.86 -0.11
C ASP B 20 -25.90 22.29 -0.61
N ALA B 21 -26.54 21.47 0.23
CA ALA B 21 -27.57 20.54 -0.21
C ALA B 21 -28.79 21.22 -0.83
N ALA B 22 -29.27 22.31 -0.23
CA ALA B 22 -30.45 22.95 -0.78
C ALA B 22 -30.13 23.79 -2.01
N ARG B 23 -28.85 23.97 -2.33
CA ARG B 23 -28.39 24.68 -3.50
C ARG B 23 -28.04 23.75 -4.66
N ILE B 24 -27.78 22.49 -4.36
CA ILE B 24 -27.33 21.49 -5.33
C ILE B 24 -28.49 20.67 -5.86
N TYR B 25 -29.52 20.45 -5.04
CA TYR B 25 -30.62 19.59 -5.45
C TYR B 25 -31.90 20.38 -5.63
N GLU B 26 -32.75 19.87 -6.51
CA GLU B 26 -34.00 20.51 -6.89
C GLU B 26 -35.01 19.40 -7.11
N LYS B 27 -36.09 19.41 -6.34
CA LYS B 27 -37.13 18.41 -6.49
C LYS B 27 -37.90 18.69 -7.78
N VAL B 28 -38.16 17.65 -8.57
CA VAL B 28 -38.82 17.81 -9.85
C VAL B 28 -39.81 16.67 -10.05
N GLU B 29 -40.81 16.93 -10.91
CA GLU B 29 -41.85 15.95 -11.21
C GLU B 29 -41.80 15.53 -12.68
N THR B 30 -41.40 14.30 -12.92
CA THR B 30 -41.24 13.76 -14.26
C THR B 30 -42.29 12.69 -14.52
N GLU B 31 -42.84 12.67 -15.73
CA GLU B 31 -43.76 11.61 -16.13
C GLU B 31 -42.99 10.44 -16.72
N LEU B 32 -43.43 9.23 -16.39
CA LEU B 32 -42.66 8.05 -16.70
C LEU B 32 -43.45 7.15 -17.63
N ASN B 33 -42.83 6.72 -18.73
CA ASN B 33 -43.50 5.82 -19.67
C ASN B 33 -43.64 4.45 -19.06
N THR B 34 -44.85 3.89 -19.14
CA THR B 34 -45.18 2.64 -18.46
C THR B 34 -45.19 1.43 -19.42
N ARG B 35 -44.40 1.48 -20.49
CA ARG B 35 -44.17 0.34 -21.36
C ARG B 35 -42.80 -0.26 -21.08
N LEU B 36 -42.77 -1.58 -20.82
CA LEU B 36 -41.57 -2.25 -20.32
C LEU B 36 -40.91 -3.13 -21.38
N GLY B 37 -39.58 -3.16 -21.34
CA GLY B 37 -38.79 -4.01 -22.20
C GLY B 37 -38.84 -5.45 -21.77
N GLU B 38 -38.05 -6.28 -22.47
CA GLU B 38 -38.11 -7.74 -22.28
C GLU B 38 -37.66 -8.15 -20.88
N GLU B 39 -36.71 -7.43 -20.32
CA GLU B 39 -36.12 -7.76 -19.03
C GLU B 39 -36.14 -6.56 -18.09
N GLN B 40 -36.93 -5.53 -18.40
CA GLN B 40 -37.09 -4.35 -17.55
C GLN B 40 -38.14 -4.61 -16.47
N MET B 41 -38.19 -3.71 -15.48
CA MET B 41 -39.13 -3.76 -14.36
C MET B 41 -39.55 -2.35 -13.98
N LEU B 42 -40.77 -2.21 -13.47
CA LEU B 42 -41.19 -0.94 -12.91
C LEU B 42 -41.01 -0.97 -11.40
N LEU B 43 -40.35 0.06 -10.89
CA LEU B 43 -39.89 0.06 -9.51
C LEU B 43 -40.44 1.26 -8.78
N LYS B 44 -41.07 0.99 -7.63
CA LYS B 44 -41.43 1.98 -6.63
C LYS B 44 -40.37 1.96 -5.54
N THR B 45 -39.94 3.14 -5.09
CA THR B 45 -38.89 3.23 -4.11
C THR B 45 -39.44 3.18 -2.69
N LEU B 46 -38.79 2.42 -1.82
CA LEU B 46 -39.21 2.33 -0.43
C LEU B 46 -38.30 3.04 0.55
N TYR B 47 -36.99 3.00 0.33
CA TYR B 47 -35.99 3.65 1.17
C TYR B 47 -34.85 4.16 0.31
N VAL B 48 -34.15 5.19 0.78
CA VAL B 48 -32.93 5.69 0.13
C VAL B 48 -31.87 6.02 1.16
N SER B 49 -30.62 5.83 0.76
CA SER B 49 -29.43 6.11 1.55
C SER B 49 -28.87 7.50 1.24
N VAL B 50 -28.02 7.98 2.15
CA VAL B 50 -27.29 9.21 1.92
C VAL B 50 -25.91 9.02 2.54
N ASP B 51 -24.89 8.96 1.70
CA ASP B 51 -23.53 8.64 2.10
C ASP B 51 -22.60 9.74 1.63
N PRO B 52 -21.47 9.95 2.31
CA PRO B 52 -20.55 11.02 1.91
C PRO B 52 -19.98 10.83 0.51
N TYR B 53 -19.87 9.59 0.02
CA TYR B 53 -19.37 9.36 -1.32
C TYR B 53 -20.36 9.87 -2.37
N LEU B 54 -21.61 10.12 -1.96
CA LEU B 54 -22.54 10.81 -2.83
C LEU B 54 -22.06 12.22 -3.16
N GLN B 55 -21.13 12.75 -2.35
CA GLN B 55 -20.51 14.02 -2.70
C GLN B 55 -19.75 13.90 -4.03
N GLY B 56 -19.16 12.74 -4.29
CA GLY B 56 -18.47 12.49 -5.54
C GLY B 56 -19.42 12.15 -6.67
N ILE B 57 -20.35 11.24 -6.42
CA ILE B 57 -21.33 10.87 -7.44
C ILE B 57 -22.04 12.09 -7.96
N CYS B 58 -22.25 13.09 -7.09
CA CYS B 58 -22.92 14.31 -7.52
C CYS B 58 -22.07 15.08 -8.52
N LEU B 59 -20.78 15.25 -8.22
CA LEU B 59 -19.93 16.09 -9.02
C LEU B 59 -19.67 15.54 -10.42
N ASP B 60 -19.81 14.23 -10.62
CA ASP B 60 -19.68 13.66 -11.96
C ASP B 60 -21.00 13.51 -12.69
N THR B 61 -22.12 13.76 -12.02
CA THR B 61 -23.45 13.59 -12.63
C THR B 61 -23.78 14.82 -13.49
N PRO B 62 -24.27 14.61 -14.71
CA PRO B 62 -24.64 15.76 -15.56
C PRO B 62 -25.73 16.61 -14.95
N ILE B 63 -25.62 17.94 -15.12
CA ILE B 63 -26.59 18.85 -14.52
C ILE B 63 -27.98 18.54 -15.06
N GLY B 64 -28.94 18.38 -14.13
CA GLY B 64 -30.32 18.09 -14.44
C GLY B 64 -30.72 16.64 -14.22
N ASP B 65 -29.76 15.72 -14.32
CA ASP B 65 -30.06 14.30 -14.13
C ASP B 65 -30.27 13.99 -12.65
N HIS B 66 -31.16 13.02 -12.40
CA HIS B 66 -31.47 12.61 -11.03
C HIS B 66 -30.19 12.26 -10.28
N MET B 67 -30.21 12.49 -8.97
CA MET B 67 -29.10 12.12 -8.10
C MET B 67 -29.14 10.62 -7.83
N GLY B 68 -28.10 9.91 -8.26
CA GLY B 68 -28.02 8.49 -7.98
C GLY B 68 -27.72 8.25 -6.52
N ALA B 69 -28.20 7.12 -6.00
CA ALA B 69 -27.96 6.78 -4.61
C ALA B 69 -28.35 5.34 -4.39
N ASP B 70 -27.93 4.81 -3.24
CA ASP B 70 -28.37 3.50 -2.83
C ASP B 70 -29.84 3.53 -2.41
N SER B 71 -30.60 2.51 -2.81
CA SER B 71 -32.02 2.52 -2.53
C SER B 71 -32.51 1.09 -2.38
N ILE B 72 -33.73 0.98 -1.82
CA ILE B 72 -34.51 -0.26 -1.74
C ILE B 72 -35.75 -0.04 -2.59
N MET B 73 -36.05 -0.98 -3.47
CA MET B 73 -37.13 -0.77 -4.41
C MET B 73 -38.07 -1.95 -4.36
N GLN B 74 -39.20 -1.83 -5.05
CA GLN B 74 -40.10 -2.97 -5.18
C GLN B 74 -40.70 -3.00 -6.57
N VAL B 75 -40.71 -4.18 -7.16
CA VAL B 75 -41.19 -4.35 -8.52
C VAL B 75 -42.70 -4.12 -8.55
N LEU B 76 -43.13 -3.12 -9.33
CA LEU B 76 -44.56 -2.99 -9.60
C LEU B 76 -44.96 -3.86 -10.78
N ASP B 77 -44.31 -3.66 -11.93
CA ASP B 77 -44.58 -4.46 -13.11
C ASP B 77 -43.24 -4.81 -13.75
N ALA B 78 -43.21 -5.99 -14.38
CA ALA B 78 -41.97 -6.57 -14.88
C ALA B 78 -42.19 -7.22 -16.23
N GLY B 79 -41.23 -7.07 -17.14
CA GLY B 79 -41.29 -7.72 -18.43
C GLY B 79 -41.24 -9.23 -18.29
N PRO B 80 -41.37 -9.94 -19.42
CA PRO B 80 -41.43 -11.41 -19.33
C PRO B 80 -40.14 -12.06 -18.86
N ASN B 81 -38.99 -11.56 -19.33
CA ASN B 81 -37.68 -12.07 -18.93
C ASN B 81 -37.05 -11.26 -17.81
N ALA B 82 -37.86 -10.75 -16.89
CA ALA B 82 -37.32 -9.87 -15.86
C ALA B 82 -36.50 -10.69 -14.88
N PRO B 83 -35.42 -10.12 -14.35
CA PRO B 83 -34.65 -10.85 -13.33
C PRO B 83 -35.44 -11.10 -12.07
N PHE B 84 -36.49 -10.31 -11.83
CA PHE B 84 -37.33 -10.44 -10.65
C PHE B 84 -38.79 -10.29 -11.05
N ARG B 85 -39.70 -11.02 -10.32
CA ARG B 85 -41.13 -10.89 -10.52
C ARG B 85 -41.70 -9.72 -9.71
N PRO B 86 -42.83 -9.15 -10.12
CA PRO B 86 -43.39 -8.05 -9.34
C PRO B 86 -43.63 -8.48 -7.91
N GLY B 87 -43.77 -7.48 -7.03
CA GLY B 87 -43.84 -7.72 -5.60
C GLY B 87 -42.46 -7.90 -4.99
N ASP B 88 -41.56 -8.51 -5.74
CA ASP B 88 -40.19 -8.72 -5.29
C ASP B 88 -39.55 -7.40 -4.84
N LEU B 89 -38.79 -7.49 -3.76
CA LEU B 89 -38.03 -6.36 -3.22
C LEU B 89 -36.61 -6.43 -3.74
N VAL B 90 -36.19 -5.38 -4.44
CA VAL B 90 -34.84 -5.36 -5.00
C VAL B 90 -34.05 -4.19 -4.44
N GLN B 91 -32.74 -4.36 -4.45
CA GLN B 91 -31.85 -3.39 -3.88
C GLN B 91 -30.82 -3.04 -4.94
N GLY B 92 -30.66 -1.75 -5.17
CA GLY B 92 -29.84 -1.28 -6.25
C GLY B 92 -29.69 0.22 -6.15
N PHE B 93 -29.28 0.82 -7.25
CA PHE B 93 -28.86 2.22 -7.23
C PHE B 93 -29.94 3.13 -7.81
N GLY B 94 -31.18 2.97 -7.36
CA GLY B 94 -32.29 3.70 -7.96
C GLY B 94 -32.21 5.22 -7.86
N GLY B 95 -31.35 5.74 -6.99
CA GLY B 95 -31.20 7.19 -6.91
C GLY B 95 -32.40 7.85 -6.25
N TRP B 96 -32.35 9.18 -6.18
CA TRP B 96 -33.40 9.95 -5.49
C TRP B 96 -34.57 10.22 -6.45
N ARG B 97 -35.30 9.15 -6.76
CA ARG B 97 -36.48 9.16 -7.62
C ARG B 97 -37.57 8.30 -7.02
N THR B 98 -38.81 8.78 -7.07
CA THR B 98 -39.90 7.99 -6.48
C THR B 98 -40.11 6.70 -7.24
N HIS B 99 -39.93 6.73 -8.56
CA HIS B 99 -40.10 5.55 -9.40
C HIS B 99 -39.01 5.53 -10.45
N LEU B 100 -39.00 4.45 -11.20
CA LEU B 100 -37.98 4.27 -12.22
C LEU B 100 -38.24 2.95 -12.93
N VAL B 101 -37.59 2.78 -14.06
CA VAL B 101 -37.62 1.53 -14.80
C VAL B 101 -36.18 1.07 -14.97
N SER B 102 -35.96 -0.23 -14.92
CA SER B 102 -34.61 -0.75 -15.02
C SER B 102 -34.66 -2.23 -15.33
N ASP B 103 -33.71 -2.70 -16.13
CA ASP B 103 -33.55 -4.15 -16.26
C ASP B 103 -32.72 -4.75 -15.13
N GLY B 104 -32.06 -3.93 -14.30
CA GLY B 104 -31.24 -4.50 -13.28
C GLY B 104 -29.93 -5.09 -13.72
N LYS B 105 -29.62 -5.09 -15.03
CA LYS B 105 -28.32 -5.57 -15.49
C LYS B 105 -27.26 -4.52 -15.11
N PRO B 106 -26.00 -4.90 -14.99
CA PRO B 106 -24.96 -3.93 -14.59
C PRO B 106 -24.69 -2.86 -15.63
N LYS B 107 -24.61 -1.60 -15.17
CA LYS B 107 -24.46 -0.44 -16.05
C LYS B 107 -23.20 0.35 -15.70
N LEU B 108 -22.65 1.04 -16.71
CA LEU B 108 -21.36 1.74 -16.60
C LEU B 108 -21.55 3.23 -16.30
N TRP B 109 -20.76 3.73 -15.34
CA TRP B 109 -20.72 5.15 -14.95
C TRP B 109 -19.50 5.80 -15.61
N GLN B 110 -19.67 6.16 -16.89
CA GLN B 110 -18.54 6.61 -17.72
C GLN B 110 -18.06 8.01 -17.33
N THR B 111 -18.98 8.92 -16.99
CA THR B 111 -18.61 10.32 -16.72
C THR B 111 -17.74 10.50 -15.47
N GLY B 112 -17.45 9.42 -14.75
CA GLY B 112 -16.68 9.49 -13.54
C GLY B 112 -15.20 9.77 -13.77
N THR B 113 -14.49 9.98 -12.66
CA THR B 113 -13.03 10.02 -12.70
C THR B 113 -12.46 8.66 -13.07
N PHE B 114 -12.99 7.56 -12.47
CA PHE B 114 -12.64 6.17 -12.72
C PHE B 114 -13.84 5.41 -13.32
N PRO B 115 -13.67 4.58 -14.39
CA PRO B 115 -14.85 4.06 -15.16
C PRO B 115 -15.62 2.91 -14.51
N MET B 116 -16.29 3.19 -13.38
CA MET B 116 -17.01 2.17 -12.60
C MET B 116 -18.28 1.65 -13.30
N VAL B 117 -18.72 0.46 -12.84
CA VAL B 117 -19.91 -0.23 -13.35
C VAL B 117 -20.76 -0.71 -12.18
N PHE B 118 -21.88 -0.04 -11.93
CA PHE B 118 -22.77 -0.36 -10.82
C PHE B 118 -23.19 -1.83 -10.87
N PRO B 119 -23.20 -2.53 -9.74
CA PRO B 119 -23.49 -3.98 -9.74
C PRO B 119 -24.92 -4.28 -10.17
N ALA B 120 -25.19 -5.57 -10.34
CA ALA B 120 -26.54 -5.98 -10.69
C ALA B 120 -27.45 -5.82 -9.48
N TYR B 121 -28.75 -5.80 -9.74
CA TYR B 121 -29.69 -5.55 -8.67
C TYR B 121 -29.89 -6.81 -7.83
N ARG B 122 -29.80 -6.65 -6.52
CA ARG B 122 -29.98 -7.71 -5.57
C ARG B 122 -31.45 -7.82 -5.17
N LYS B 123 -31.98 -9.05 -5.19
CA LYS B 123 -33.24 -9.31 -4.54
C LYS B 123 -33.04 -9.44 -3.05
N LEU B 124 -33.98 -8.92 -2.28
CA LEU B 124 -33.94 -9.05 -0.83
C LEU B 124 -34.95 -10.11 -0.43
N ASP B 125 -34.56 -10.96 0.51
CA ASP B 125 -35.42 -12.05 0.91
C ASP B 125 -35.90 -11.77 2.31
N LEU B 126 -37.22 -11.70 2.47
CA LEU B 126 -37.76 -11.27 3.75
C LEU B 126 -37.28 -12.16 4.89
N ARG B 127 -37.10 -13.46 4.65
CA ARG B 127 -36.69 -14.35 5.73
C ARG B 127 -35.54 -13.75 6.55
N HIS B 128 -34.68 -12.96 5.90
CA HIS B 128 -33.51 -12.38 6.54
C HIS B 128 -33.86 -11.27 7.50
N TYR B 129 -34.91 -10.53 7.22
CA TYR B 129 -35.18 -9.29 7.94
C TYR B 129 -36.35 -9.51 8.87
N ASP B 130 -36.27 -8.89 10.05
CA ASP B 130 -37.29 -9.03 11.07
C ASP B 130 -37.27 -7.76 11.90
N ASP B 131 -38.00 -7.81 13.03
CA ASP B 131 -38.11 -6.65 13.89
C ASP B 131 -36.75 -6.09 14.25
N ALA B 132 -35.78 -6.96 14.51
CA ALA B 132 -34.47 -6.60 15.01
C ALA B 132 -33.44 -6.44 13.90
N LEU B 133 -33.72 -6.86 12.69
CA LEU B 133 -32.84 -6.61 11.55
C LEU B 133 -33.73 -6.11 10.43
N PRO B 134 -34.30 -4.92 10.58
CA PRO B 134 -35.34 -4.46 9.66
C PRO B 134 -34.88 -4.48 8.21
N LEU B 135 -35.88 -4.49 7.33
CA LEU B 135 -35.61 -4.41 5.90
C LEU B 135 -34.79 -3.20 5.53
N SER B 136 -34.90 -2.13 6.30
CA SER B 136 -34.10 -0.96 6.00
C SER B 136 -32.60 -1.22 6.10
N THR B 137 -32.17 -2.28 6.79
CA THR B 137 -30.74 -2.41 7.02
C THR B 137 -29.99 -2.89 5.79
N ALA B 138 -30.69 -3.34 4.75
CA ALA B 138 -30.05 -3.68 3.50
C ALA B 138 -29.42 -2.46 2.82
N LEU B 139 -29.64 -1.27 3.40
CA LEU B 139 -28.89 -0.09 3.03
C LEU B 139 -27.82 0.25 4.05
N GLY B 140 -27.78 -0.48 5.16
CA GLY B 140 -26.81 -0.21 6.17
C GLY B 140 -26.01 -1.45 6.45
N VAL B 141 -26.09 -1.96 7.67
CA VAL B 141 -25.31 -3.15 8.01
C VAL B 141 -25.59 -4.30 7.05
N MET B 142 -26.82 -4.45 6.58
CA MET B 142 -27.14 -5.58 5.73
C MET B 142 -27.05 -5.24 4.25
N GLY B 143 -26.36 -4.16 3.91
CA GLY B 143 -26.21 -3.78 2.54
C GLY B 143 -24.79 -3.34 2.31
N GLY B 144 -24.62 -2.24 1.58
CA GLY B 144 -23.31 -1.78 1.19
C GLY B 144 -22.38 -1.63 2.39
N PRO B 145 -22.66 -0.66 3.27
CA PRO B 145 -21.67 -0.34 4.32
C PRO B 145 -21.26 -1.54 5.14
N GLY B 146 -22.17 -2.47 5.40
CA GLY B 146 -21.78 -3.66 6.11
C GLY B 146 -20.91 -4.59 5.27
N MET B 147 -21.20 -4.66 3.98
CA MET B 147 -20.33 -5.47 3.15
C MET B 147 -18.90 -4.92 3.19
N THR B 148 -18.77 -3.60 3.09
CA THR B 148 -17.44 -2.99 3.08
C THR B 148 -16.67 -3.38 4.32
N ALA B 149 -17.29 -3.20 5.48
CA ALA B 149 -16.63 -3.48 6.74
C ALA B 149 -16.38 -4.97 6.90
N TRP B 150 -17.41 -5.80 6.66
CA TRP B 150 -17.23 -7.24 6.78
C TRP B 150 -16.20 -7.76 5.77
N GLY B 151 -16.28 -7.31 4.53
CA GLY B 151 -15.30 -7.73 3.55
C GLY B 151 -13.89 -7.45 4.02
N THR B 152 -13.60 -6.17 4.29
CA THR B 152 -12.26 -5.73 4.68
C THR B 152 -11.72 -6.52 5.87
N MET B 153 -12.60 -7.04 6.70
CA MET B 153 -12.16 -7.70 7.91
C MET B 153 -12.09 -9.20 7.77
N THR B 154 -12.90 -9.78 6.89
CA THR B 154 -12.75 -11.21 6.67
C THR B 154 -11.76 -11.47 5.56
N LYS B 155 -11.77 -10.63 4.52
CA LYS B 155 -10.99 -10.94 3.33
C LYS B 155 -9.60 -10.35 3.33
N PHE B 156 -9.32 -9.31 4.12
CA PHE B 156 -8.03 -8.67 4.03
C PHE B 156 -7.30 -8.65 5.37
N MET B 157 -7.89 -8.11 6.41
CA MET B 157 -7.15 -7.82 7.62
C MET B 157 -7.19 -8.96 8.61
N GLN B 158 -6.04 -9.54 8.90
CA GLN B 158 -5.90 -10.48 10.00
C GLN B 158 -5.59 -9.69 11.27
N VAL B 159 -6.60 -9.42 12.06
CA VAL B 159 -6.38 -8.78 13.35
C VAL B 159 -6.06 -9.87 14.36
N ARG B 160 -5.06 -9.66 15.12
CA ARG B 160 -4.73 -10.64 16.13
C ARG B 160 -5.10 -10.13 17.52
N PRO B 161 -5.37 -11.05 18.44
CA PRO B 161 -5.44 -10.69 19.85
C PRO B 161 -4.25 -9.87 20.28
N GLY B 162 -4.48 -8.65 20.72
CA GLY B 162 -3.38 -7.80 21.13
C GLY B 162 -2.88 -6.78 20.14
N ASP B 163 -3.52 -6.62 18.99
CA ASP B 163 -3.08 -5.59 18.06
C ASP B 163 -3.71 -4.25 18.43
N THR B 164 -2.93 -3.19 18.30
CA THR B 164 -3.55 -1.87 18.20
C THR B 164 -4.18 -1.73 16.82
N VAL B 165 -5.37 -1.18 16.76
CA VAL B 165 -6.03 -0.91 15.49
C VAL B 165 -6.50 0.53 15.51
N VAL B 166 -6.40 1.19 14.37
CA VAL B 166 -6.80 2.58 14.22
C VAL B 166 -7.94 2.62 13.22
N VAL B 167 -8.95 3.45 13.48
CA VAL B 167 -10.06 3.63 12.54
C VAL B 167 -10.31 5.12 12.36
N SER B 168 -9.89 5.67 11.21
CA SER B 168 -10.26 7.03 10.87
C SER B 168 -11.73 7.10 10.45
N GLY B 169 -12.34 8.26 10.68
CA GLY B 169 -13.76 8.41 10.44
C GLY B 169 -14.58 7.41 11.24
N ALA B 170 -14.14 7.10 12.47
CA ALA B 170 -14.71 6.01 13.25
C ALA B 170 -16.14 6.25 13.64
N SER B 171 -16.65 7.47 13.45
CA SER B 171 -18.04 7.77 13.79
C SER B 171 -19.03 7.03 12.89
N GLY B 172 -18.81 7.07 11.58
CA GLY B 172 -19.76 6.49 10.66
C GLY B 172 -20.02 5.00 10.82
N MET B 173 -20.92 4.47 9.99
CA MET B 173 -21.35 3.07 10.14
C MET B 173 -20.25 2.07 9.78
N ILE B 174 -19.54 2.29 8.67
CA ILE B 174 -18.45 1.39 8.33
C ILE B 174 -17.37 1.44 9.40
N GLY B 175 -16.93 2.67 9.76
CA GLY B 175 -15.93 2.82 10.81
C GLY B 175 -16.36 2.20 12.14
N THR B 176 -17.57 2.50 12.59
CA THR B 176 -18.09 1.90 13.80
C THR B 176 -18.22 0.39 13.66
N LEU B 177 -18.67 -0.06 12.49
CA LEU B 177 -18.73 -1.49 12.22
C LEU B 177 -17.34 -2.12 12.26
N VAL B 178 -16.37 -1.45 11.63
CA VAL B 178 -15.00 -1.97 11.62
C VAL B 178 -14.44 -2.06 13.02
N GLY B 179 -14.49 -0.96 13.76
CA GLY B 179 -13.93 -0.97 15.11
C GLY B 179 -14.50 -2.07 15.97
N GLN B 180 -15.77 -2.36 15.79
CA GLN B 180 -16.42 -3.39 16.58
C GLN B 180 -15.86 -4.76 16.24
N MET B 181 -15.76 -5.07 14.93
CA MET B 181 -15.20 -6.35 14.54
C MET B 181 -13.78 -6.51 15.02
N ALA B 182 -13.05 -5.40 15.06
CA ALA B 182 -11.70 -5.44 15.62
C ALA B 182 -11.75 -5.85 17.08
N LYS B 183 -12.56 -5.14 17.87
CA LYS B 183 -12.61 -5.40 19.30
C LYS B 183 -12.86 -6.88 19.59
N ARG B 184 -13.73 -7.51 18.78
CA ARG B 184 -14.02 -8.94 18.90
C ARG B 184 -12.79 -9.82 18.68
N ALA B 185 -11.90 -9.41 17.79
CA ALA B 185 -10.66 -10.13 17.55
C ALA B 185 -9.60 -9.78 18.52
N GLY B 186 -9.97 -9.23 19.68
CA GLY B 186 -9.04 -8.90 20.73
C GLY B 186 -8.06 -7.84 20.27
N ALA B 187 -8.57 -6.62 20.05
CA ALA B 187 -7.79 -5.56 19.44
C ALA B 187 -8.07 -4.25 20.16
N ARG B 188 -7.04 -3.60 20.65
CA ARG B 188 -7.21 -2.24 21.13
C ARG B 188 -7.64 -1.35 19.97
N VAL B 189 -8.86 -0.80 20.04
CA VAL B 189 -9.40 0.00 18.95
C VAL B 189 -9.30 1.49 19.27
N VAL B 190 -8.69 2.25 18.41
CA VAL B 190 -8.62 3.67 18.65
C VAL B 190 -9.36 4.40 17.54
N GLY B 191 -10.06 5.46 17.88
CA GLY B 191 -10.95 6.10 16.94
C GLY B 191 -10.78 7.61 16.93
N THR B 192 -11.48 8.23 15.98
CA THR B 192 -11.55 9.67 15.83
C THR B 192 -12.99 10.11 15.66
N ALA B 193 -13.40 11.09 16.48
CA ALA B 193 -14.72 11.71 16.43
C ALA B 193 -14.58 13.23 16.44
N GLY B 194 -15.72 13.91 16.39
CA GLY B 194 -15.77 15.36 16.36
C GLY B 194 -16.45 16.01 17.56
N SER B 195 -17.15 15.23 18.39
CA SER B 195 -17.82 15.76 19.57
C SER B 195 -17.44 14.93 20.79
N ALA B 196 -17.45 15.61 21.96
CA ALA B 196 -17.23 14.93 23.23
C ALA B 196 -18.15 13.73 23.39
N GLY B 197 -19.39 13.85 22.93
CA GLY B 197 -20.32 12.73 22.99
C GLY B 197 -20.00 11.64 21.98
N LYS B 198 -19.88 12.02 20.71
CA LYS B 198 -19.54 11.02 19.70
C LYS B 198 -18.37 10.19 20.19
N ALA B 199 -17.37 10.83 20.77
CA ALA B 199 -16.28 10.09 21.36
C ALA B 199 -16.80 9.11 22.41
N ARG B 200 -17.64 9.60 23.32
CA ARG B 200 -18.16 8.71 24.35
C ARG B 200 -18.98 7.60 23.72
N TYR B 201 -19.78 7.96 22.72
CA TYR B 201 -20.63 7.00 22.04
C TYR B 201 -19.81 5.80 21.58
N LEU B 202 -18.72 6.08 20.87
CA LEU B 202 -17.80 5.01 20.48
C LEU B 202 -17.25 4.29 21.70
N SER B 203 -16.82 5.04 22.72
CA SER B 203 -16.27 4.42 23.91
C SER B 203 -17.24 3.44 24.49
N GLN B 204 -18.53 3.77 24.40
CA GLN B 204 -19.60 2.89 24.80
C GLN B 204 -19.66 1.67 23.90
N LEU B 205 -19.24 1.82 22.65
CA LEU B 205 -19.26 0.72 21.68
C LEU B 205 -18.07 -0.21 21.85
N GLY B 206 -17.10 0.16 22.68
CA GLY B 206 -15.91 -0.64 22.85
C GLY B 206 -14.63 0.03 22.44
N PHE B 207 -14.68 1.23 21.87
CA PHE B 207 -13.47 1.92 21.45
C PHE B 207 -12.57 2.22 22.63
N ASP B 208 -11.39 1.61 22.65
CA ASP B 208 -10.48 1.84 23.77
C ASP B 208 -9.89 3.24 23.82
N ALA B 209 -10.03 4.03 22.77
CA ALA B 209 -9.58 5.41 22.82
C ALA B 209 -10.30 6.13 21.70
N VAL B 210 -10.33 7.45 21.80
CA VAL B 210 -10.83 8.27 20.70
C VAL B 210 -10.04 9.56 20.72
N ILE B 211 -10.02 10.24 19.58
CA ILE B 211 -9.28 11.46 19.45
C ILE B 211 -10.12 12.41 18.61
N ASP B 212 -9.96 13.69 18.87
CA ASP B 212 -10.72 14.71 18.16
C ASP B 212 -9.81 15.33 17.11
N TYR B 213 -10.08 14.99 15.85
CA TYR B 213 -9.41 15.69 14.76
C TYR B 213 -9.80 17.15 14.72
N LYS B 214 -10.98 17.48 15.24
CA LYS B 214 -11.40 18.89 15.33
C LYS B 214 -10.35 19.71 16.04
N LEU B 215 -9.66 19.13 17.01
CA LEU B 215 -8.54 19.79 17.65
C LEU B 215 -7.21 19.55 16.94
N ALA B 216 -7.03 18.39 16.32
CA ALA B 216 -5.72 18.00 15.81
C ALA B 216 -5.69 18.30 14.31
N ASP B 217 -5.34 19.54 13.97
CA ASP B 217 -5.25 19.88 12.57
C ASP B 217 -3.88 19.57 11.99
N ASP B 218 -2.85 19.55 12.85
CA ASP B 218 -1.49 19.32 12.41
C ASP B 218 -1.09 17.88 12.66
N ALA B 219 -0.42 17.29 11.67
CA ALA B 219 0.10 15.94 11.86
C ALA B 219 0.92 15.87 13.13
N ASP B 220 1.52 17.00 13.53
CA ASP B 220 2.31 17.07 14.75
C ASP B 220 1.43 17.06 15.99
N LYS B 221 0.46 17.99 16.06
CA LYS B 221 -0.50 17.87 17.14
C LYS B 221 -1.12 16.48 17.14
N MET B 222 -1.28 15.90 15.96
CA MET B 222 -1.89 14.58 15.85
C MET B 222 -0.94 13.48 16.31
N ARG B 223 0.27 13.45 15.77
CA ARG B 223 1.24 12.46 16.19
C ARG B 223 1.22 12.33 17.71
N GLU B 224 1.18 13.47 18.40
CA GLU B 224 1.16 13.48 19.86
C GLU B 224 -0.07 12.81 20.41
N ALA B 225 -1.25 13.27 20.00
CA ALA B 225 -2.48 12.58 20.40
C ALA B 225 -2.34 11.10 20.14
N LEU B 226 -1.82 10.76 18.97
CA LEU B 226 -1.74 9.39 18.50
C LEU B 226 -0.71 8.57 19.28
N ARG B 227 0.52 9.07 19.34
CA ARG B 227 1.57 8.37 20.08
C ARG B 227 1.09 7.95 21.45
N GLU B 228 0.20 8.74 22.05
CA GLU B 228 -0.32 8.39 23.35
C GLU B 228 -1.51 7.45 23.27
N ALA B 229 -2.41 7.66 22.32
CA ALA B 229 -3.54 6.75 22.18
C ALA B 229 -3.08 5.36 21.76
N ALA B 230 -2.04 5.28 20.91
CA ALA B 230 -1.48 4.03 20.38
C ALA B 230 -0.03 3.95 20.82
N PRO B 231 0.21 3.51 22.06
CA PRO B 231 1.56 3.57 22.61
C PRO B 231 2.48 2.50 22.07
N ASP B 232 1.90 1.48 21.42
CA ASP B 232 2.68 0.38 20.89
C ASP B 232 2.67 0.40 19.39
N GLY B 233 2.42 1.55 18.84
CA GLY B 233 2.38 1.70 17.40
C GLY B 233 1.06 1.17 16.87
N VAL B 234 0.99 1.15 15.54
CA VAL B 234 -0.22 0.76 14.85
C VAL B 234 0.05 -0.53 14.10
N ASP B 235 -0.80 -1.51 14.34
CA ASP B 235 -0.71 -2.82 13.71
C ASP B 235 -1.60 -2.91 12.48
N LYS B 236 -2.79 -2.31 12.55
CA LYS B 236 -3.70 -2.24 11.43
C LYS B 236 -4.29 -0.83 11.43
N TYR B 237 -4.89 -0.43 10.31
CA TYR B 237 -5.46 0.91 10.17
C TYR B 237 -6.52 0.85 9.09
N PHE B 238 -7.75 1.29 9.39
CA PHE B 238 -8.84 1.37 8.43
C PHE B 238 -9.07 2.85 8.12
N ASP B 239 -8.61 3.32 6.96
CA ASP B 239 -8.58 4.74 6.68
C ASP B 239 -9.79 5.15 5.84
N SER B 240 -10.50 6.19 6.29
CA SER B 240 -11.53 6.86 5.48
C SER B 240 -11.37 8.37 5.49
N ILE B 241 -10.22 8.89 5.93
CA ILE B 241 -9.97 10.32 6.04
C ILE B 241 -8.74 10.71 5.22
N GLY B 242 -7.57 10.43 5.77
CA GLY B 242 -6.35 10.77 5.08
C GLY B 242 -5.82 12.11 5.56
N GLY B 243 -4.79 12.57 4.86
CA GLY B 243 -4.26 13.87 5.19
C GLY B 243 -3.51 13.81 6.50
N SER B 244 -3.76 14.80 7.35
CA SER B 244 -2.92 14.94 8.55
C SER B 244 -2.99 13.71 9.42
N VAL B 245 -4.17 13.12 9.55
CA VAL B 245 -4.34 11.95 10.41
C VAL B 245 -3.54 10.75 9.90
N THR B 246 -3.68 10.46 8.59
CA THR B 246 -2.93 9.35 8.00
C THR B 246 -1.44 9.62 8.04
N ASP B 247 -1.06 10.87 7.76
CA ASP B 247 0.33 11.28 7.90
C ASP B 247 0.88 10.88 9.26
N ALA B 248 0.04 10.97 10.30
CA ALA B 248 0.46 10.65 11.67
C ALA B 248 0.55 9.15 11.92
N VAL B 249 -0.35 8.38 11.29
CA VAL B 249 -0.34 6.93 11.41
C VAL B 249 0.92 6.33 10.79
N PHE B 250 1.22 6.75 9.56
CA PHE B 250 2.36 6.16 8.86
C PHE B 250 3.65 6.40 9.60
N SER B 251 3.71 7.45 10.39
CA SER B 251 4.88 7.73 11.20
C SER B 251 4.97 6.80 12.41
N MET B 252 4.11 5.78 12.51
CA MET B 252 4.20 4.86 13.65
C MET B 252 3.67 3.44 13.34
N LEU B 253 3.77 3.01 12.09
CA LEU B 253 3.29 1.70 11.64
C LEU B 253 4.16 0.59 12.20
N ASN B 254 3.57 -0.34 12.93
CA ASN B 254 4.31 -1.50 13.42
C ASN B 254 4.75 -2.40 12.24
N VAL B 255 5.53 -3.44 12.55
CA VAL B 255 6.04 -4.36 11.54
C VAL B 255 4.97 -5.35 11.13
N GLY B 256 4.79 -5.52 9.84
CA GLY B 256 3.75 -6.40 9.36
C GLY B 256 2.40 -5.76 9.31
N SER B 257 2.32 -4.45 9.48
CA SER B 257 1.04 -3.77 9.50
C SER B 257 0.29 -3.91 8.16
N GLN B 258 -1.03 -3.91 8.27
CA GLN B 258 -1.94 -3.83 7.15
C GLN B 258 -2.61 -2.46 7.17
N VAL B 259 -2.88 -1.93 5.99
CA VAL B 259 -3.67 -0.71 5.84
C VAL B 259 -4.76 -0.99 4.81
N ALA B 260 -5.99 -0.62 5.15
CA ALA B 260 -7.12 -0.67 4.23
C ALA B 260 -7.56 0.76 3.97
N VAL B 261 -7.41 1.22 2.74
CA VAL B 261 -7.75 2.59 2.36
C VAL B 261 -9.10 2.54 1.67
N CYS B 262 -10.09 3.11 2.30
CA CYS B 262 -11.46 2.99 1.85
C CYS B 262 -12.00 4.24 1.22
N TRP B 263 -11.58 5.40 1.70
CA TRP B 263 -12.00 6.69 1.21
C TRP B 263 -10.99 7.70 1.75
N GLN B 264 -11.07 8.93 1.25
CA GLN B 264 -10.13 9.97 1.61
C GLN B 264 -10.97 11.24 1.75
N TRP B 265 -11.75 11.30 2.83
CA TRP B 265 -12.56 12.49 3.09
C TRP B 265 -11.73 13.75 2.96
N ALA B 266 -10.52 13.73 3.51
CA ALA B 266 -9.61 14.86 3.40
C ALA B 266 -9.33 15.22 1.94
N THR B 267 -8.96 14.22 1.13
CA THR B 267 -8.68 14.48 -0.27
C THR B 267 -9.95 14.83 -1.02
N GLN B 268 -11.03 14.08 -0.77
CA GLN B 268 -12.25 14.24 -1.52
C GLN B 268 -12.96 15.54 -1.19
N VAL B 269 -13.34 15.72 0.08
CA VAL B 269 -14.10 16.90 0.49
C VAL B 269 -13.19 18.09 0.75
N GLN B 270 -12.23 17.93 1.66
CA GLN B 270 -11.38 19.05 2.04
C GLN B 270 -10.30 19.40 1.03
N ARG B 271 -10.19 18.67 -0.07
CA ARG B 271 -9.31 19.07 -1.18
C ARG B 271 -7.84 19.12 -0.77
N ASP B 272 -7.42 18.25 0.16
CA ASP B 272 -6.00 18.13 0.50
C ASP B 272 -5.39 17.18 -0.53
N TYR B 273 -4.82 17.75 -1.59
CA TYR B 273 -4.32 16.93 -2.70
C TYR B 273 -2.83 16.66 -2.60
N HIS B 274 -2.09 17.47 -1.86
CA HIS B 274 -0.66 17.27 -1.71
C HIS B 274 -0.29 17.19 -0.24
N GLY B 275 0.62 16.27 0.05
CA GLY B 275 1.15 16.11 1.37
C GLY B 275 2.47 15.37 1.37
N PRO B 276 2.95 15.04 2.56
CA PRO B 276 4.24 14.34 2.67
C PRO B 276 4.19 12.96 2.06
N ARG B 277 5.31 12.57 1.47
CA ARG B 277 5.41 11.29 0.78
C ARG B 277 5.45 10.15 1.80
N LEU B 278 4.47 9.25 1.71
CA LEU B 278 4.30 8.24 2.74
C LEU B 278 5.04 6.95 2.46
N LEU B 279 5.24 6.60 1.18
CA LEU B 279 5.90 5.35 0.81
C LEU B 279 7.21 5.10 1.54
N PRO B 280 8.02 6.11 1.85
CA PRO B 280 9.22 5.90 2.66
C PRO B 280 8.93 5.36 4.05
N TYR B 281 7.68 5.38 4.50
CA TYR B 281 7.36 4.96 5.85
C TYR B 281 6.94 3.50 5.91
N ILE B 282 6.82 2.82 4.77
CA ILE B 282 6.31 1.44 4.72
C ILE B 282 7.40 0.40 4.50
N MET B 283 8.61 0.80 4.15
CA MET B 283 9.60 -0.19 3.79
C MET B 283 10.07 -0.97 5.00
N PHE B 284 10.66 -0.29 5.98
CA PHE B 284 11.02 -1.02 7.21
C PHE B 284 9.83 -1.73 7.86
N PRO B 285 8.67 -1.09 8.01
CA PRO B 285 7.53 -1.82 8.57
C PRO B 285 7.14 -3.03 7.76
N ARG B 286 7.50 -3.08 6.48
CA ARG B 286 6.90 -4.05 5.57
C ARG B 286 5.39 -3.95 5.62
N ALA B 287 4.90 -2.71 5.59
CA ALA B 287 3.47 -2.46 5.55
C ALA B 287 2.86 -2.98 4.26
N THR B 288 1.58 -3.37 4.34
CA THR B 288 0.83 -3.90 3.21
C THR B 288 -0.46 -3.11 3.09
N ILE B 289 -0.42 -2.00 2.37
CA ILE B 289 -1.61 -1.20 2.08
C ILE B 289 -2.43 -1.84 0.97
N ARG B 290 -3.74 -1.87 1.14
CA ARG B 290 -4.60 -2.32 0.07
C ARG B 290 -5.76 -1.36 -0.08
N GLY B 291 -6.05 -0.98 -1.31
CA GLY B 291 -7.22 -0.19 -1.58
C GLY B 291 -8.47 -1.02 -1.46
N ILE B 292 -9.52 -0.39 -0.93
CA ILE B 292 -10.79 -1.04 -0.65
C ILE B 292 -11.83 -0.50 -1.61
N PHE B 293 -12.48 -1.40 -2.35
CA PHE B 293 -13.60 -1.11 -3.25
C PHE B 293 -14.56 -2.26 -3.10
N SER B 294 -15.52 -2.09 -2.18
CA SER B 294 -16.36 -3.17 -1.69
C SER B 294 -17.16 -3.84 -2.78
N LEU B 295 -17.31 -3.19 -3.94
CA LEU B 295 -18.11 -3.73 -5.02
C LEU B 295 -17.62 -5.11 -5.47
N GLU B 296 -16.31 -5.36 -5.33
CA GLU B 296 -15.76 -6.64 -5.77
C GLU B 296 -16.34 -7.82 -5.01
N TRP B 297 -17.14 -7.55 -4.00
CA TRP B 297 -17.60 -8.61 -3.13
C TRP B 297 -19.09 -8.87 -3.31
N PHE B 298 -19.74 -8.10 -4.18
CA PHE B 298 -21.17 -8.21 -4.34
C PHE B 298 -21.57 -9.52 -5.01
N THR B 299 -21.05 -10.63 -4.50
CA THR B 299 -21.47 -11.95 -4.92
C THR B 299 -22.57 -12.49 -4.02
N GLU B 300 -23.38 -13.39 -4.58
CA GLU B 300 -24.38 -14.08 -3.77
C GLU B 300 -23.70 -14.84 -2.65
N GLN B 301 -22.67 -15.61 -3.00
CA GLN B 301 -21.91 -16.33 -2.01
C GLN B 301 -21.60 -15.44 -0.82
N ASN B 302 -21.31 -14.17 -1.09
CA ASN B 302 -20.84 -13.28 -0.03
C ASN B 302 -22.01 -12.70 0.75
N TRP B 303 -23.07 -12.28 0.07
CA TRP B 303 -24.21 -11.69 0.76
C TRP B 303 -24.82 -12.69 1.73
N SER B 304 -24.92 -13.96 1.34
CA SER B 304 -25.38 -14.98 2.27
C SER B 304 -24.44 -15.10 3.47
N ALA B 305 -23.14 -15.12 3.21
CA ALA B 305 -22.18 -15.15 4.31
C ALA B 305 -22.23 -13.90 5.18
N LEU B 306 -22.62 -12.75 4.61
CA LEU B 306 -22.77 -11.53 5.40
C LEU B 306 -23.96 -11.65 6.35
N HIS B 307 -25.15 -11.89 5.79
CA HIS B 307 -26.31 -12.13 6.64
C HIS B 307 -25.96 -13.20 7.64
N GLU B 308 -25.43 -14.32 7.17
CA GLU B 308 -25.17 -15.44 8.06
C GLU B 308 -24.25 -15.06 9.20
N GLU B 309 -23.21 -14.27 8.91
CA GLU B 309 -22.25 -13.87 9.94
C GLU B 309 -22.66 -12.60 10.67
N LEU B 310 -22.84 -11.50 9.93
CA LEU B 310 -23.18 -10.23 10.58
C LEU B 310 -24.58 -10.26 11.20
N GLY B 311 -25.56 -10.85 10.50
CA GLY B 311 -26.92 -10.87 11.00
C GLY B 311 -27.03 -11.47 12.38
N GLY B 312 -26.38 -12.61 12.58
CA GLY B 312 -26.39 -13.20 13.91
C GLY B 312 -25.89 -12.25 14.98
N LEU B 313 -24.59 -11.93 14.92
CA LEU B 313 -23.97 -10.96 15.81
C LEU B 313 -24.87 -9.78 16.07
N VAL B 314 -25.45 -9.23 15.01
CA VAL B 314 -26.25 -8.04 15.17
C VAL B 314 -27.51 -8.33 15.97
N ARG B 315 -28.19 -9.44 15.66
CA ARG B 315 -29.47 -9.67 16.33
C ARG B 315 -29.31 -10.09 17.79
N ARG B 316 -28.16 -10.67 18.17
CA ARG B 316 -27.83 -10.88 19.58
C ARG B 316 -27.18 -9.65 20.21
N GLN B 317 -27.32 -8.47 19.59
CA GLN B 317 -26.83 -7.21 20.13
C GLN B 317 -25.34 -7.20 20.44
N GLU B 318 -24.64 -8.28 20.13
CA GLU B 318 -23.19 -8.26 20.25
C GLU B 318 -22.59 -7.29 19.27
N LEU B 319 -23.35 -6.86 18.27
CA LEU B 319 -22.89 -5.90 17.27
C LEU B 319 -23.96 -4.83 17.11
N VAL B 320 -23.57 -3.58 17.32
CA VAL B 320 -24.50 -2.45 17.32
C VAL B 320 -24.35 -1.70 16.01
N ALA B 321 -25.46 -1.32 15.38
CA ALA B 321 -25.36 -0.56 14.15
C ALA B 321 -26.62 0.29 14.01
N HIS B 322 -26.64 1.43 14.70
CA HIS B 322 -27.84 2.23 14.73
C HIS B 322 -28.12 2.84 13.38
N GLU B 323 -29.38 3.13 13.13
CA GLU B 323 -29.79 3.77 11.90
C GLU B 323 -30.71 4.93 12.21
N THR B 324 -30.40 6.08 11.65
CA THR B 324 -31.19 7.29 11.85
C THR B 324 -32.06 7.41 10.62
N VAL B 325 -33.27 6.86 10.68
CA VAL B 325 -34.14 6.77 9.53
C VAL B 325 -35.05 8.00 9.52
N GLN B 326 -34.72 8.98 8.68
CA GLN B 326 -35.60 10.13 8.50
C GLN B 326 -36.63 9.79 7.44
N ASP B 327 -37.87 10.23 7.66
CA ASP B 327 -38.98 9.90 6.78
C ASP B 327 -39.24 11.03 5.79
N GLY B 328 -39.96 10.69 4.72
CA GLY B 328 -40.37 11.69 3.75
C GLY B 328 -39.48 11.87 2.54
N PHE B 329 -40.04 11.69 1.34
CA PHE B 329 -39.26 11.88 0.13
C PHE B 329 -38.67 13.27 0.04
N GLU B 330 -39.45 14.29 0.45
CA GLU B 330 -38.98 15.65 0.24
C GLU B 330 -37.81 15.99 1.13
N HIS B 331 -37.63 15.27 2.23
CA HIS B 331 -36.59 15.56 3.20
C HIS B 331 -35.26 14.90 2.87
N ILE B 332 -35.08 14.40 1.65
CA ILE B 332 -33.89 13.62 1.30
C ILE B 332 -32.61 14.45 1.36
N PRO B 333 -32.49 15.56 0.63
CA PRO B 333 -31.23 16.31 0.66
C PRO B 333 -30.92 16.90 2.02
N ALA B 334 -31.93 17.18 2.84
CA ALA B 334 -31.65 17.67 4.18
C ALA B 334 -31.17 16.56 5.08
N ALA B 335 -31.69 15.33 4.89
CA ALA B 335 -31.13 14.15 5.54
C ALA B 335 -29.71 13.88 5.06
N TYR B 336 -29.38 14.27 3.83
CA TYR B 336 -28.02 14.17 3.31
C TYR B 336 -27.07 15.11 4.01
N GLN B 337 -27.55 16.28 4.37
CA GLN B 337 -26.68 17.28 4.96
C GLN B 337 -26.35 16.98 6.41
N THR B 338 -26.97 15.96 7.01
CA THR B 338 -26.69 15.69 8.40
C THR B 338 -25.25 15.24 8.57
N LEU B 339 -24.76 14.40 7.68
CA LEU B 339 -23.33 14.27 7.61
C LEU B 339 -22.83 15.65 7.23
N PHE B 340 -21.53 15.90 7.35
CA PHE B 340 -21.05 17.26 7.06
C PHE B 340 -21.49 18.24 8.15
N SER B 341 -21.73 17.77 9.37
CA SER B 341 -22.19 18.65 10.42
C SER B 341 -21.78 18.08 11.77
N ALA B 342 -22.03 18.87 12.82
CA ALA B 342 -21.72 18.49 14.20
C ALA B 342 -22.96 17.94 14.91
N SER B 343 -23.79 17.21 14.18
CA SER B 343 -25.01 16.63 14.73
C SER B 343 -24.68 15.33 15.44
N GLU B 344 -24.98 15.30 16.74
CA GLU B 344 -24.97 14.05 17.51
C GLU B 344 -26.10 13.13 17.08
N SER B 345 -27.13 13.66 16.41
CA SER B 345 -28.15 12.83 15.78
C SER B 345 -27.62 12.04 14.59
N ASN B 346 -26.40 12.34 14.11
CA ASN B 346 -25.80 11.57 13.03
C ASN B 346 -25.27 10.30 13.69
N ARG B 347 -26.17 9.36 13.92
CA ARG B 347 -25.85 8.14 14.65
C ARG B 347 -26.21 6.94 13.78
N GLY B 348 -25.19 6.27 13.25
CA GLY B 348 -25.41 5.12 12.40
C GLY B 348 -25.70 5.55 10.96
N LYS B 349 -26.39 4.67 10.24
CA LYS B 349 -26.68 4.91 8.83
C LYS B 349 -27.84 5.90 8.69
N VAL B 350 -27.64 6.97 7.92
CA VAL B 350 -28.71 7.90 7.60
C VAL B 350 -29.52 7.34 6.43
N LEU B 351 -30.85 7.32 6.58
CA LEU B 351 -31.73 6.77 5.55
C LEU B 351 -32.95 7.66 5.37
N VAL B 352 -33.77 7.36 4.37
CA VAL B 352 -35.01 8.08 4.16
C VAL B 352 -36.09 7.06 3.77
N ARG B 353 -37.08 6.88 4.66
CA ARG B 353 -38.22 6.03 4.33
C ARG B 353 -39.21 6.84 3.51
N VAL B 354 -39.50 6.34 2.31
CA VAL B 354 -40.37 6.99 1.36
C VAL B 354 -41.65 6.18 1.21
PA NAP C . 21.33 0.33 -8.53
O1A NAP C . 22.69 0.12 -9.12
O2A NAP C . 20.08 0.17 -9.36
O5B NAP C . 21.44 1.83 -7.88
C5B NAP C . 22.01 2.88 -8.64
C4B NAP C . 21.35 2.96 -10.01
O4B NAP C . 20.09 3.64 -9.89
C3B NAP C . 22.19 3.69 -11.06
O3B NAP C . 23.07 2.90 -11.81
C2B NAP C . 21.10 4.38 -11.91
O2B NAP C . 20.91 3.57 -13.01
C1B NAP C . 19.83 4.41 -11.04
N9A NAP C . 19.25 5.74 -10.77
C8A NAP C . 19.80 6.85 -10.14
N7A NAP C . 19.01 7.88 -10.07
C5A NAP C . 17.86 7.46 -10.69
C6A NAP C . 16.65 8.10 -10.93
N6A NAP C . 16.45 9.38 -10.54
N1A NAP C . 15.68 7.42 -11.56
C2A NAP C . 15.93 6.16 -11.94
N3A NAP C . 17.03 5.44 -11.78
C4A NAP C . 17.98 6.14 -11.13
O3 NAP C . 21.10 -0.54 -7.15
PN NAP C . 20.84 -2.15 -6.96
O1N NAP C . 21.97 -2.84 -6.27
O2N NAP C . 20.31 -2.62 -8.27
O5D NAP C . 19.60 -2.13 -5.88
C5D NAP C . 18.28 -1.68 -6.15
C4D NAP C . 17.78 -0.68 -5.09
O4D NAP C . 17.06 -1.34 -4.02
C3D NAP C . 18.89 0.14 -4.42
O3D NAP C . 18.41 1.44 -4.20
C2D NAP C . 19.08 -0.55 -3.07
O2D NAP C . 19.50 0.34 -2.09
C1D NAP C . 17.65 -1.05 -2.81
N1N NAP C . 17.61 -2.24 -1.88
C2N NAP C . 16.56 -2.38 -1.06
C3N NAP C . 16.47 -3.43 -0.18
C7N NAP C . 15.27 -3.57 0.73
O7N NAP C . 15.23 -4.46 1.57
N7N NAP C . 14.32 -2.67 0.55
C4N NAP C . 17.51 -4.36 -0.17
C5N NAP C . 18.60 -4.21 -1.04
C6N NAP C . 18.64 -3.12 -1.88
P2B NAP C . 21.55 4.29 -14.43
O1X NAP C . 21.28 5.76 -14.20
O2X NAP C . 23.00 3.84 -14.24
O3X NAP C . 20.76 3.65 -15.57
C2 A1EDR D . 17.13 6.21 6.55
C3 A1EDR D . 15.67 5.99 6.16
C6 A1EDR D . 15.18 3.83 3.66
C7 A1EDR D . 14.32 2.75 4.12
C8 A1EDR D . 13.23 3.41 4.90
C11 A1EDR D . 16.06 -0.54 3.52
C12 A1EDR D . 17.32 -1.16 3.17
C15 A1EDR D . 18.35 1.62 5.75
C16 A1EDR D . 19.03 0.58 5.01
C18 A1EDR D . 19.79 -1.76 4.48
C24 A1EDR D . 22.72 -7.66 5.39
C27 A1EDR D . 19.07 -5.48 3.04
O1 A1EDR D . 17.16 3.56 7.33
C9 A1EDR D . 14.59 1.37 3.93
C10 A1EDR D . 15.77 0.81 3.46
C14 A1EDR D . 18.46 2.94 5.55
C20 A1EDR D . 19.30 -4.30 4.00
C22 A1EDR D . 21.04 -6.00 4.44
C25 A1EDR D . 20.26 -6.45 3.20
C28 A1EDR D . 21.12 -3.60 5.54
C29 A1EDR D . 20.67 -2.37 5.57
C1 A1EDR D . 17.84 3.89 6.34
C13 A1EDR D . 17.69 -2.41 3.49
C17 A1EDR D . 18.99 -0.73 5.24
C19 A1EDR D . 19.13 -2.87 3.61
C21 A1EDR D . 20.79 -4.45 4.36
C23 A1EDR D . 22.50 -6.32 4.70
C26 A1EDR D . 21.06 -6.60 1.92
C4 A1EDR D . 15.39 6.20 4.68
C5 A1EDR D . 14.49 5.16 3.99
N1 A1EDR D . 17.95 5.17 5.95
N2 A1EDR D . 13.36 4.74 4.80
O2 A1EDR D . 12.32 2.82 5.54
O3 A1EDR D . 13.67 0.48 4.31
O4 A1EDR D . 16.25 3.77 3.06
H2 A1EDR D . 17.23 6.18 7.53
H3 A1EDR D . 17.44 7.08 6.25
H5 A1EDR D . 15.40 5.08 6.41
H4 A1EDR D . 15.10 6.60 6.68
H12 A1EDR D . 15.37 -1.09 3.82
H13 A1EDR D . 17.93 -0.65 2.66
H16 A1EDR D . 17.78 1.35 6.45
H17 A1EDR D . 19.56 0.86 4.27
H19 A1EDR D . 20.24 -1.27 3.76
H28 A1EDR D . 23.66 -7.76 5.61
H26 A1EDR D . 22.44 -8.38 4.80
H27 A1EDR D . 22.19 -7.68 6.22
H33 A1EDR D . 19.04 -5.15 2.12
H34 A1EDR D . 18.23 -5.94 3.26
H11 A1EDR D . 16.41 1.37 3.07
H15 A1EDR D . 18.98 3.24 4.82
H21 A1EDR D . 18.67 -4.50 4.74
H23 A1EDR D . 20.60 -6.48 5.18
H29 A1EDR D . 19.88 -7.34 3.45
H35 A1EDR D . 21.65 -3.96 6.26
H36 A1EDR D . 20.89 -1.83 6.32
H14 A1EDR D . 17.00 -3.04 3.66
H18 A1EDR D . 18.43 -1.04 5.93
H20 A1EDR D . 19.61 -2.95 2.75
H22 A1EDR D . 21.37 -4.16 3.61
H24 A1EDR D . 22.90 -5.61 5.25
H25 A1EDR D . 22.98 -6.33 3.84
H32 A1EDR D . 21.51 -5.75 1.72
H30 A1EDR D . 20.47 -6.84 1.19
H31 A1EDR D . 21.73 -7.29 2.03
H7 A1EDR D . 14.97 7.07 4.57
H6 A1EDR D . 16.25 6.21 4.21
H8 A1EDR D . 14.17 5.55 3.13
H1 A1EDR D . 18.53 5.38 5.33
H9 A1EDR D . 12.80 5.28 5.19
H10 A1EDR D . 12.96 0.88 4.54
PA NAP E . -19.60 8.49 8.09
O1A NAP E . -20.83 8.69 8.93
O2A NAP E . -18.26 8.16 8.69
O5B NAP E . -19.40 9.90 7.26
C5B NAP E . -19.53 11.17 7.89
C4B NAP E . -18.78 11.21 9.23
O4B NAP E . -17.35 11.36 9.10
C3B NAP E . -19.28 12.38 10.11
O3B NAP E . -20.39 12.08 10.91
C2B NAP E . -18.00 12.75 10.91
O2B NAP E . -18.07 12.10 12.17
C1B NAP E . -16.81 12.16 10.13
N9A NAP E . -15.77 13.15 9.73
C8A NAP E . -15.85 14.26 8.91
N7A NAP E . -14.71 14.89 8.76
C5A NAP E . -13.82 14.18 9.52
C6A NAP E . -12.45 14.36 9.78
N6A NAP E . -11.76 15.38 9.24
N1A NAP E . -11.86 13.46 10.59
C2A NAP E . -12.58 12.46 11.10
N3A NAP E . -13.87 12.20 10.93
C4A NAP E . -14.45 13.09 10.13
O3 NAP E . -19.84 7.37 6.88
PN NAP E . -19.94 5.71 6.91
O1N NAP E . -21.33 5.24 6.57
O2N NAP E . -19.22 5.27 8.14
O5D NAP E . -19.00 5.25 5.62
C5D NAP E . -17.60 5.44 5.61
C4D NAP E . -17.02 6.12 4.35
O4D NAP E . -16.50 5.16 3.37
C3D NAP E . -18.02 6.98 3.59
O3D NAP E . -17.38 8.14 3.15
C2D NAP E . -18.39 6.11 2.36
O2D NAP E . -18.71 6.88 1.24
C1D NAP E . -17.10 5.31 2.12
N1N NAP E . -17.36 4.01 1.36
C2N NAP E . -16.47 3.45 0.53
C3N NAP E . -16.76 2.27 -0.16
C7N NAP E . -15.83 1.53 -1.09
O7N NAP E . -16.28 0.57 -1.67
N7N NAP E . -14.57 1.99 -1.23
C4N NAP E . -18.01 1.69 0.03
C5N NAP E . -18.92 2.28 0.88
C6N NAP E . -18.57 3.46 1.54
P2B NAP E . -18.38 13.06 13.60
O1X NAP E . -17.66 14.38 13.32
O2X NAP E . -19.91 13.11 13.56
O3X NAP E . -17.77 12.28 14.77
#